data_6V4P
#
_entry.id   6V4P
#
loop_
_entity.id
_entity.type
_entity.pdbx_description
1 polymer 'Integrin alpha-IIb'
2 polymer 'Integrin beta-3'
3 polymer 'Abciximab, heavy chain'
4 polymer 'Abciximab, light chain'
5 non-polymer 'CALCIUM ION'
6 non-polymer 'MAGNESIUM ION'
#
loop_
_entity_poly.entity_id
_entity_poly.type
_entity_poly.pdbx_seq_one_letter_code
_entity_poly.pdbx_strand_id
1 'polypeptide(L)'
;MARALCPLQALWLLEWVLLLLGPCAAPPAWALNLDPVQLTFYAGPNGSQFGFSLDFHKDSHGRVAIVVGAPRTLGPSQEE
TGGVFLCPWRAEGGQCPSLLFDLRDETRNVGSQTLQTFKARQGLGASVVSWSDVIVACAPWQHWNVLEKTEEAEKTPVGS
CFLAQPESGRRAEYSPCRGNTLSRIYVENDFSWDKRYCEAGFSSVVTQAGELVLGAPGGYYFLGLLAQAPVADIFSSYRP
GILLWHVSSQSLSFDSSNPEYFDGYWGYSVAVGEFDGDLNTTEYVVGAPTWSWTLGAVEILDSYYQRLHRLRGEQMASYF
GHSVAVTDVNGDGRHDLLVGAPLYMESRADRKLAEVGRVYLFLQPRGPHALGAPSLLLTGTQLYGRFGSAIAPLGDLDRD
GYNDIAVAAPYGGPSGRGQVLVFLGQSEGLRSRPSQVLDSPFPTGSAFGFSLRGAVDIDDNGYPDLIVGAYGANQVAVYR
AQPVVKASVQLLVQDSLNPAVKSCVLPQTKTPVSCFNIQMCVGATGHNIPQKLSLNAELQLDRQKPRQGRRVLLLGSQQA
GTTLNLDLGGKHSPICHTTMAFLRDEADFRDKLSPIVLSLNVSLPPTEAGMAPAVVLHGDTHVQEQTRIVLDCGEDDVCV
PQLQLTASVTGSPLLVGADNVLELQMDAANEGEGAYEAELAVHLPQGAHYMRALSNVEGFERLICNQKKENETRVVLCEL
GNPMKKNAQIGIAMLVSVGNLEEAGESVSFQLQIRSKNSQNPNSKIVLLDVPVRAEAQVELRGNSFPASLVVAAEEGERE
QNSLDSWGPKVEHTYELHNNGPGTVNGLHLSIHLPGQSQPSDLLYILDIQPQGGLQCFPQPPVNPLKVDWGLPIPSPSPI
HPAHHKRDRRQIFLPEPEQPSRLQDPVLVSCDSAPCTVVQCDLQEMARGQRAMVTVLAFLWLPSLYQRPLDQFVLQSHAW
FNV
;
A
2 'polypeptide(L)'
;MRARPRPRPLWATVLALGALAGVGVGGPNICTTRGVSSCQQCLAVSPMCAWCSDEALPLGSPRCDLKENLLKDNCAPESI
EFPVSEARVLEDRPLSDKGSGDSSQVTQVSPQRIALRLRPDDSKNFSIQVRQVEDYPVDIYYLMDLSYSMKDDLWSIQNL
GTKLATQMRKLTSNLRIGFGAFVDKPVSPYMYISPPEALENPCYDMKTTCLPMFGYKHVLTLTDQVTRFNEEVKKQSVSR
NRDAPEGGFDAIMQATVCDEKIGWRNDASHLLVFTTDAKTHIALDGRLAGIVQPNDGQCHVGSDNHYSASTTMDYPSLGL
MTEKLSQKNINLIFAVTENVVNLYQNYSELIPGTTVGVLSMDSSNVLQLIVDAYGKIRSKVELEVRDLPEELSLSFNATC
LNNEVIPGLKSCMGLKIGDTVSFSIEAKVRGCPQEKEKSFTIKPVGFKDSLIVQVTFDCDCACQAQAEPNSHRCNNGNGT
FECGVCRCGPGWLGSQCECSEEDYRPSQQDECSPREGQPVCSQRGECLCGQCVCHSSDFGKITGKYCECDDFSCVRYKGE
MCSGHGQCSCGDCLCDSDWTGYYCNCTTRTDTCMSSNGLLCSGRGKCECGSCVCIQPGSYGDTCEKCPTCPDACTFKKEC
VECKKFDRGALHDENTCNRYCRDEIESVKELKDTGKDAVNCTYKNEDDCV
;
B
3 'polypeptide(L)'
;EVQLQQSGTVLARPGASVKMSCEASGYTFTNYWMHWVKQRPGQGLEWIGAIYPGNSDTSYIQKFKGKAKLTAVTSTTSVY
MELSSLTNEDSAVYYCTLYDGYYVFAYWGQGTLVTVSAASTKGPSVFPLAPSSKSTSGGTAALGCLVKDYFPEPVTVSWN
SGALTSGVHTFPAVLQSSGLYSLSSVVTVPSSSLGTQTYICNVNHKPSNTKVDKKVEPKSCDKTH
;
C
4 'polypeptide(L)'
;EIVLTQSPVTLSVTPGDSVSLSCRASRDISNNLHWFQQTSHESPRLLIKYASQSMSGIPSRFSGSGSGTDFTLSINSVET
EDFGMYFCQQTNSWPYTFGGGTKLEIKRTVAAPSVFIFPPSDEQLKSGTASVVCLLNNFYPREAKVQWKVDNALQSGNSQ
ESVTEQDSKDSTYSLSSTLTLSKADYEKHKVYACEVTHQGLSSPVTKSFNRGEC
;
D
#
# COMPACT_ATOMS: atom_id res chain seq x y z
N LEU A 32 2.70 45.04 -19.13
CA LEU A 32 2.89 46.09 -20.13
C LEU A 32 3.64 47.28 -19.56
N ASN A 33 3.20 47.75 -18.39
CA ASN A 33 3.76 48.93 -17.78
C ASN A 33 4.43 48.66 -16.43
N LEU A 34 4.64 47.40 -16.07
CA LEU A 34 5.44 47.09 -14.90
C LEU A 34 6.90 47.45 -15.18
N ASP A 35 7.50 48.20 -14.28
CA ASP A 35 8.86 48.70 -14.50
C ASP A 35 9.88 47.69 -14.01
N PRO A 36 10.66 47.09 -14.91
CA PRO A 36 11.67 46.11 -14.50
C PRO A 36 13.01 46.72 -14.11
N VAL A 37 13.12 48.04 -14.07
CA VAL A 37 14.38 48.70 -13.73
C VAL A 37 14.35 49.10 -12.27
N GLN A 38 13.40 49.96 -11.89
CA GLN A 38 13.23 50.36 -10.50
C GLN A 38 12.57 49.21 -9.76
N LEU A 39 13.38 48.34 -9.20
CA LEU A 39 12.91 47.18 -8.46
C LEU A 39 13.15 47.38 -6.97
N THR A 40 12.14 47.08 -6.17
CA THR A 40 12.24 47.12 -4.72
C THR A 40 12.44 45.69 -4.24
N PHE A 41 13.59 45.41 -3.64
CA PHE A 41 13.93 44.07 -3.20
C PHE A 41 13.79 44.01 -1.69
N TYR A 42 12.86 43.19 -1.21
CA TYR A 42 12.78 42.82 0.19
C TYR A 42 13.51 41.50 0.38
N ALA A 43 14.32 41.42 1.43
CA ALA A 43 15.15 40.26 1.68
C ALA A 43 14.83 39.68 3.05
N GLY A 44 15.07 38.38 3.18
CA GLY A 44 14.86 37.69 4.43
C GLY A 44 16.11 36.93 4.84
N PRO A 45 16.03 36.23 5.97
CA PRO A 45 17.17 35.42 6.41
C PRO A 45 17.60 34.44 5.33
N ASN A 46 18.89 34.15 5.30
CA ASN A 46 19.42 33.23 4.30
C ASN A 46 18.96 31.81 4.61
N GLY A 47 18.52 31.10 3.58
CA GLY A 47 18.01 29.76 3.73
C GLY A 47 16.60 29.66 4.24
N SER A 48 15.94 30.79 4.51
CA SER A 48 14.61 30.80 5.09
C SER A 48 13.49 30.61 4.06
N GLN A 49 13.82 30.61 2.77
CA GLN A 49 12.82 30.55 1.70
C GLN A 49 11.88 31.74 1.77
N PHE A 50 12.44 32.91 2.09
CA PHE A 50 11.70 34.16 2.09
C PHE A 50 11.17 34.45 0.70
N GLY A 51 9.86 34.67 0.61
CA GLY A 51 9.20 34.84 -0.67
C GLY A 51 8.46 33.62 -1.16
N PHE A 52 8.44 32.54 -0.38
CA PHE A 52 7.74 31.33 -0.79
C PHE A 52 6.25 31.60 -0.96
N SER A 53 5.66 32.37 -0.06
CA SER A 53 4.30 32.83 -0.17
C SER A 53 4.27 34.29 0.22
N LEU A 54 3.42 35.07 -0.44
CA LEU A 54 3.35 36.49 -0.17
C LEU A 54 1.98 37.02 -0.51
N ASP A 55 1.50 37.95 0.31
CA ASP A 55 0.25 38.65 0.07
C ASP A 55 0.46 40.13 0.39
N PHE A 56 -0.59 40.93 0.18
CA PHE A 56 -0.59 42.33 0.55
C PHE A 56 -1.39 42.49 1.84
N HIS A 57 -0.94 43.40 2.71
CA HIS A 57 -1.63 43.69 3.95
C HIS A 57 -1.92 45.18 4.01
N LYS A 58 -3.20 45.53 4.04
CA LYS A 58 -3.62 46.92 4.18
C LYS A 58 -3.90 47.20 5.65
N ASP A 59 -3.13 48.12 6.23
CA ASP A 59 -3.32 48.48 7.63
C ASP A 59 -4.68 49.15 7.83
N SER A 60 -5.01 49.39 9.10
CA SER A 60 -6.19 50.18 9.41
C SER A 60 -6.08 51.59 8.83
N HIS A 61 -4.86 52.12 8.75
CA HIS A 61 -4.60 53.40 8.13
C HIS A 61 -4.54 53.33 6.61
N GLY A 62 -4.64 52.12 6.04
CA GLY A 62 -4.61 51.95 4.60
C GLY A 62 -3.24 51.82 3.98
N ARG A 63 -2.17 51.95 4.77
CA ARG A 63 -0.82 51.81 4.24
C ARG A 63 -0.55 50.34 3.94
N VAL A 64 -0.37 50.02 2.66
CA VAL A 64 -0.24 48.64 2.23
C VAL A 64 1.15 48.13 2.61
N ALA A 65 1.19 47.03 3.35
CA ALA A 65 2.41 46.30 3.62
C ALA A 65 2.40 44.97 2.88
N ILE A 66 3.58 44.37 2.77
CA ILE A 66 3.74 43.08 2.12
C ILE A 66 3.89 42.02 3.20
N VAL A 67 2.98 41.04 3.20
CA VAL A 67 3.13 39.85 4.02
C VAL A 67 3.95 38.85 3.23
N VAL A 68 5.04 38.38 3.81
CA VAL A 68 5.91 37.41 3.16
C VAL A 68 6.06 36.21 4.08
N GLY A 69 5.81 35.02 3.54
CA GLY A 69 6.03 33.80 4.27
C GLY A 69 7.39 33.21 3.95
N ALA A 70 8.05 32.67 4.98
CA ALA A 70 9.36 32.06 4.85
C ALA A 70 9.34 30.74 5.62
N PRO A 71 8.90 29.65 4.99
CA PRO A 71 8.67 28.40 5.72
C PRO A 71 9.92 27.76 6.30
N ARG A 72 11.11 28.34 6.08
CA ARG A 72 12.35 27.75 6.58
C ARG A 72 13.06 28.69 7.54
N THR A 73 12.38 29.72 8.04
CA THR A 73 12.97 30.59 9.04
C THR A 73 13.30 29.79 10.30
N LEU A 74 14.47 30.04 10.86
CA LEU A 74 14.88 29.32 12.06
C LEU A 74 14.10 29.83 13.26
N GLY A 75 13.56 28.90 14.04
CA GLY A 75 12.75 29.24 15.18
C GLY A 75 13.57 29.67 16.38
N PRO A 76 13.07 29.37 17.58
CA PRO A 76 13.79 29.77 18.81
C PRO A 76 14.94 28.86 19.17
N SER A 77 14.94 27.61 18.72
CA SER A 77 15.98 26.64 19.03
C SER A 77 16.82 26.31 17.81
N GLN A 78 17.00 27.26 16.90
CA GLN A 78 17.72 27.08 15.64
C GLN A 78 17.12 25.95 14.79
N GLU A 79 15.87 25.59 15.05
CA GLU A 79 15.13 24.66 14.20
C GLU A 79 14.33 25.45 13.18
N GLU A 80 14.26 24.92 11.96
CA GLU A 80 13.41 25.51 10.94
C GLU A 80 11.97 25.35 11.35
N THR A 81 11.31 26.46 11.68
CA THR A 81 9.90 26.45 11.98
C THR A 81 9.08 27.32 11.03
N GLY A 82 9.73 28.15 10.23
CA GLY A 82 9.02 29.06 9.37
C GLY A 82 8.76 30.39 10.05
N GLY A 83 8.37 31.36 9.24
CA GLY A 83 8.10 32.68 9.77
C GLY A 83 7.36 33.51 8.76
N VAL A 84 6.85 34.63 9.24
CA VAL A 84 6.13 35.59 8.42
C VAL A 84 6.71 36.97 8.67
N PHE A 85 6.98 37.70 7.60
CA PHE A 85 7.59 39.02 7.69
C PHE A 85 6.62 40.04 7.12
N LEU A 86 6.26 41.04 7.93
CA LEU A 86 5.35 42.08 7.52
C LEU A 86 6.20 43.25 7.02
N CYS A 87 6.35 43.33 5.70
CA CYS A 87 7.27 44.28 5.09
C CYS A 87 6.54 45.56 4.77
N PRO A 88 6.79 46.66 5.49
CA PRO A 88 6.17 47.93 5.12
C PRO A 88 6.70 48.43 3.79
N TRP A 89 5.85 49.14 3.06
CA TRP A 89 6.24 49.59 1.72
C TRP A 89 7.24 50.73 1.84
N ARG A 90 8.47 50.48 1.44
CA ARG A 90 9.47 51.51 1.21
C ARG A 90 10.14 51.23 -0.12
N ALA A 91 10.29 52.27 -0.93
CA ALA A 91 10.81 52.09 -2.28
C ALA A 91 12.23 51.56 -2.32
N GLU A 92 12.87 51.38 -1.18
CA GLU A 92 14.21 50.82 -1.11
C GLU A 92 14.24 49.34 -0.81
N GLY A 93 13.23 48.81 -0.12
CA GLY A 93 13.16 47.40 0.17
C GLY A 93 13.93 47.04 1.43
N GLY A 94 14.80 46.04 1.33
CA GLY A 94 15.63 45.65 2.45
C GLY A 94 15.01 44.61 3.35
N GLN A 95 15.38 44.64 4.62
CA GLN A 95 14.93 43.64 5.58
C GLN A 95 13.62 44.07 6.24
N CYS A 96 12.80 43.10 6.57
CA CYS A 96 11.50 43.32 7.16
C CYS A 96 11.48 42.89 8.62
N PRO A 97 10.55 43.41 9.42
CA PRO A 97 10.37 42.89 10.77
C PRO A 97 9.52 41.62 10.74
N SER A 98 9.98 40.59 11.43
CA SER A 98 9.23 39.35 11.48
C SER A 98 7.94 39.53 12.25
N LEU A 99 6.92 38.78 11.84
CA LEU A 99 5.64 38.75 12.53
C LEU A 99 5.65 37.56 13.49
N LEU A 100 5.55 37.83 14.79
CA LEU A 100 5.84 36.83 15.80
C LEU A 100 4.64 35.92 16.02
N PHE A 101 4.89 34.62 15.96
CA PHE A 101 3.91 33.60 16.30
C PHE A 101 4.52 32.67 17.35
N ASP A 102 3.65 31.93 18.03
CA ASP A 102 4.13 30.95 19.00
C ASP A 102 4.74 29.77 18.26
N LEU A 103 6.03 29.53 18.47
CA LEU A 103 6.75 28.47 17.78
C LEU A 103 7.18 27.35 18.72
N ARG A 104 6.64 27.32 19.93
CA ARG A 104 6.98 26.28 20.90
C ARG A 104 6.06 25.09 20.73
N ASP A 105 6.65 23.90 20.66
CA ASP A 105 5.84 22.69 20.62
C ASP A 105 5.01 22.59 21.89
N GLU A 106 3.70 22.57 21.74
CA GLU A 106 2.79 22.50 22.87
C GLU A 106 2.45 21.05 23.18
N THR A 107 2.17 20.79 24.45
CA THR A 107 1.74 19.47 24.89
C THR A 107 0.73 19.62 26.01
N ARG A 108 -0.37 18.88 25.91
CA ARG A 108 -1.48 19.03 26.83
C ARG A 108 -2.04 17.66 27.16
N ASN A 109 -2.39 17.46 28.44
CA ASN A 109 -3.08 16.26 28.89
C ASN A 109 -4.55 16.60 29.09
N VAL A 110 -5.40 16.11 28.20
CA VAL A 110 -6.84 16.36 28.27
C VAL A 110 -7.49 15.01 28.50
N GLY A 111 -7.73 14.67 29.76
CA GLY A 111 -8.26 13.35 30.08
C GLY A 111 -7.14 12.35 30.14
N SER A 112 -7.31 11.22 29.48
CA SER A 112 -6.29 10.19 29.39
C SER A 112 -5.37 10.38 28.18
N GLN A 113 -5.56 11.45 27.42
CA GLN A 113 -4.84 11.68 26.18
C GLN A 113 -3.85 12.82 26.34
N THR A 114 -2.63 12.60 25.83
CA THR A 114 -1.62 13.65 25.74
C THR A 114 -1.65 14.21 24.33
N LEU A 115 -2.07 15.46 24.20
CA LEU A 115 -2.12 16.15 22.92
C LEU A 115 -0.84 16.94 22.74
N GLN A 116 -0.17 16.76 21.60
CA GLN A 116 1.11 17.42 21.38
C GLN A 116 1.22 17.91 19.95
N THR A 117 1.61 19.17 19.79
CA THR A 117 1.86 19.76 18.49
C THR A 117 3.37 19.90 18.28
N PHE A 118 3.82 19.71 17.05
CA PHE A 118 5.24 19.75 16.71
C PHE A 118 5.47 20.83 15.67
N LYS A 119 6.22 21.86 16.04
CA LYS A 119 6.48 22.99 15.16
C LYS A 119 7.75 22.82 14.34
N ALA A 120 8.54 21.78 14.60
CA ALA A 120 9.77 21.55 13.84
C ALA A 120 9.43 21.31 12.37
N ARG A 121 9.98 22.17 11.51
CA ARG A 121 9.77 22.08 10.06
C ARG A 121 8.29 22.16 9.71
N GLN A 122 7.51 22.88 10.52
CA GLN A 122 6.09 23.04 10.24
C GLN A 122 5.83 23.84 8.98
N GLY A 123 6.81 24.61 8.52
CA GLY A 123 6.63 25.39 7.30
C GLY A 123 5.73 26.59 7.48
N LEU A 124 5.84 27.29 8.60
CA LEU A 124 5.02 28.48 8.81
C LEU A 124 5.37 29.53 7.75
N GLY A 125 4.35 30.02 7.07
CA GLY A 125 4.57 30.91 5.95
C GLY A 125 4.63 30.23 4.61
N ALA A 126 4.34 28.92 4.54
CA ALA A 126 4.27 28.26 3.24
C ALA A 126 3.06 28.72 2.45
N SER A 127 2.03 29.21 3.12
CA SER A 127 0.98 29.99 2.48
C SER A 127 0.58 31.10 3.43
N VAL A 128 0.51 32.33 2.92
CA VAL A 128 0.05 33.47 3.70
C VAL A 128 -1.04 34.16 2.91
N VAL A 129 -2.15 34.48 3.58
CA VAL A 129 -3.24 35.24 3.01
C VAL A 129 -3.67 36.26 4.03
N SER A 130 -3.97 37.46 3.56
CA SER A 130 -4.29 38.59 4.43
C SER A 130 -5.71 39.05 4.14
N TRP A 131 -6.59 38.89 5.12
CA TRP A 131 -7.93 39.48 5.03
C TRP A 131 -7.83 40.94 5.46
N SER A 132 -8.95 41.55 5.82
CA SER A 132 -9.02 42.99 6.08
C SER A 132 -7.90 43.45 7.00
N ASP A 133 -7.86 42.96 8.23
CA ASP A 133 -6.79 43.27 9.17
C ASP A 133 -6.15 42.03 9.74
N VAL A 134 -6.52 40.85 9.24
CA VAL A 134 -6.01 39.58 9.73
C VAL A 134 -5.00 39.05 8.72
N ILE A 135 -3.87 38.56 9.22
CA ILE A 135 -2.88 37.84 8.43
C ILE A 135 -3.00 36.37 8.80
N VAL A 136 -3.41 35.55 7.83
CA VAL A 136 -3.49 34.11 8.05
C VAL A 136 -2.18 33.51 7.55
N ALA A 137 -1.41 32.96 8.47
CA ALA A 137 -0.13 32.32 8.17
C ALA A 137 -0.25 30.84 8.47
N CYS A 138 -0.06 30.01 7.46
CA CYS A 138 -0.34 28.60 7.57
C CYS A 138 0.95 27.79 7.59
N ALA A 139 0.95 26.74 8.42
CA ALA A 139 2.08 25.83 8.59
C ALA A 139 1.63 24.45 8.16
N PRO A 140 1.68 24.15 6.86
CA PRO A 140 1.07 22.90 6.37
C PRO A 140 1.69 21.65 6.96
N TRP A 141 3.00 21.65 7.23
CA TRP A 141 3.67 20.44 7.67
C TRP A 141 3.90 20.43 9.17
N GLN A 142 3.06 21.16 9.92
CA GLN A 142 3.06 21.04 11.36
C GLN A 142 2.50 19.69 11.76
N HIS A 143 3.22 18.97 12.61
CA HIS A 143 2.83 17.63 13.00
C HIS A 143 2.06 17.67 14.31
N TRP A 144 1.31 16.60 14.53
CA TRP A 144 0.38 16.54 15.65
C TRP A 144 0.21 15.09 16.05
N ASN A 145 0.30 14.81 17.34
CA ASN A 145 0.16 13.46 17.85
C ASN A 145 -0.73 13.49 19.09
N VAL A 146 -1.38 12.37 19.34
CA VAL A 146 -2.17 12.18 20.54
C VAL A 146 -1.74 10.86 21.17
N LEU A 147 -1.20 10.95 22.38
CA LEU A 147 -0.81 9.76 23.14
C LEU A 147 -1.85 9.54 24.24
N GLU A 148 -2.46 8.36 24.26
CA GLU A 148 -3.39 7.98 25.31
C GLU A 148 -2.84 6.86 26.19
N LYS A 149 -2.22 5.87 25.58
CA LYS A 149 -1.66 4.70 26.23
C LYS A 149 -0.46 4.26 25.39
N THR A 150 -0.08 2.99 25.48
CA THR A 150 0.85 2.45 24.51
C THR A 150 0.42 2.71 23.07
N GLU A 151 -0.86 3.03 22.85
CA GLU A 151 -1.37 3.42 21.54
C GLU A 151 -1.18 4.91 21.31
N GLU A 152 -1.46 5.35 20.09
CA GLU A 152 -1.26 6.75 19.73
C GLU A 152 -2.04 7.05 18.45
N ALA A 153 -2.04 8.33 18.08
CA ALA A 153 -2.75 8.80 16.92
C ALA A 153 -1.85 9.06 15.72
N GLU A 154 -0.64 8.48 15.71
CA GLU A 154 0.22 8.56 14.53
C GLU A 154 0.60 9.99 14.15
N LYS A 155 1.56 10.58 14.88
CA LYS A 155 2.08 11.91 14.58
C LYS A 155 2.25 12.13 13.08
N THR A 156 1.51 13.10 12.55
CA THR A 156 1.34 13.28 11.11
C THR A 156 1.10 14.75 10.84
N PRO A 157 1.37 15.22 9.61
CA PRO A 157 1.22 16.66 9.30
C PRO A 157 -0.23 17.10 9.08
N VAL A 158 -0.94 17.31 10.19
CA VAL A 158 -2.32 17.78 10.09
C VAL A 158 -2.37 19.21 9.59
N GLY A 159 -1.27 19.96 9.72
CA GLY A 159 -1.26 21.35 9.32
C GLY A 159 -1.77 22.24 10.43
N SER A 160 -1.64 23.55 10.18
CA SER A 160 -2.13 24.57 11.09
C SER A 160 -2.00 25.91 10.41
N CYS A 161 -2.94 26.81 10.70
CA CYS A 161 -2.87 28.18 10.24
C CYS A 161 -2.86 29.10 11.45
N PHE A 162 -1.91 30.03 11.47
CA PHE A 162 -1.76 30.99 12.53
C PHE A 162 -2.36 32.30 12.09
N LEU A 163 -3.40 32.74 12.77
CA LEU A 163 -4.07 34.00 12.44
C LEU A 163 -3.49 35.10 13.33
N ALA A 164 -3.33 36.29 12.76
CA ALA A 164 -2.71 37.39 13.46
C ALA A 164 -3.37 38.70 13.06
N GLN A 165 -3.73 39.50 14.04
CA GLN A 165 -4.05 40.90 13.80
C GLN A 165 -2.85 41.72 14.21
N PRO A 166 -1.95 42.03 13.27
CA PRO A 166 -0.68 42.65 13.65
C PRO A 166 -0.82 44.04 14.25
N GLU A 167 -1.84 44.80 13.86
CA GLU A 167 -2.02 46.14 14.43
C GLU A 167 -2.55 46.07 15.85
N SER A 168 -3.35 45.05 16.14
CA SER A 168 -3.89 44.86 17.49
C SER A 168 -3.06 43.90 18.33
N GLY A 169 -2.18 43.12 17.72
CA GLY A 169 -1.38 42.15 18.44
C GLY A 169 -2.08 40.84 18.75
N ARG A 170 -3.35 40.71 18.37
CA ARG A 170 -4.12 39.52 18.70
C ARG A 170 -3.70 38.34 17.82
N ARG A 171 -3.50 37.19 18.45
CA ARG A 171 -3.11 35.98 17.76
C ARG A 171 -4.18 34.91 17.93
N ALA A 172 -4.29 34.04 16.95
CA ALA A 172 -5.21 32.91 17.00
C ALA A 172 -4.55 31.74 16.28
N GLU A 173 -5.31 30.66 16.14
CA GLU A 173 -4.83 29.48 15.42
C GLU A 173 -6.04 28.73 14.91
N TYR A 174 -5.84 27.97 13.84
CA TYR A 174 -6.92 27.18 13.27
C TYR A 174 -6.30 25.91 12.70
N SER A 175 -6.49 24.78 13.40
CA SER A 175 -6.08 23.46 12.93
C SER A 175 -7.34 22.61 12.84
N PRO A 176 -8.04 22.63 11.71
CA PRO A 176 -9.31 21.90 11.60
C PRO A 176 -9.16 20.40 11.49
N CYS A 177 -7.94 19.90 11.31
CA CYS A 177 -7.72 18.48 11.06
C CYS A 177 -7.11 17.76 12.25
N ARG A 178 -6.90 18.45 13.36
CA ARG A 178 -6.46 17.78 14.57
C ARG A 178 -7.59 16.92 15.12
N GLY A 179 -7.24 15.73 15.58
CA GLY A 179 -8.21 14.84 16.20
C GLY A 179 -7.56 14.04 17.31
N ASN A 180 -8.39 13.32 18.05
CA ASN A 180 -7.92 12.42 19.10
C ASN A 180 -8.25 10.97 18.81
N THR A 181 -8.67 10.66 17.59
CA THR A 181 -8.88 9.28 17.18
C THR A 181 -7.54 8.57 17.04
N LEU A 182 -7.49 7.33 17.49
CA LEU A 182 -6.26 6.56 17.50
C LEU A 182 -6.09 5.77 16.22
N SER A 183 -4.86 5.31 15.98
CA SER A 183 -4.51 4.66 14.71
C SER A 183 -5.37 3.43 14.43
N ARG A 184 -5.58 2.59 15.44
CA ARG A 184 -6.29 1.34 15.21
C ARG A 184 -7.74 1.60 14.84
N ILE A 185 -8.30 2.73 15.29
CA ILE A 185 -9.66 3.09 14.91
C ILE A 185 -9.73 3.40 13.42
N TYR A 186 -8.71 4.07 12.90
CA TYR A 186 -8.67 4.34 11.46
C TYR A 186 -8.43 3.05 10.68
N VAL A 187 -7.63 2.14 11.22
CA VAL A 187 -7.42 0.86 10.53
C VAL A 187 -8.72 0.06 10.50
N GLU A 188 -9.51 0.15 11.56
CA GLU A 188 -10.82 -0.53 11.58
C GLU A 188 -11.75 0.06 10.52
N ASN A 189 -11.89 1.37 10.50
CA ASN A 189 -12.80 2.07 9.59
C ASN A 189 -12.33 2.03 8.14
N ASP A 190 -11.22 1.34 7.84
CA ASP A 190 -10.60 1.39 6.52
C ASP A 190 -10.20 2.81 6.15
N PHE A 191 -9.69 3.55 7.14
CA PHE A 191 -9.12 4.88 6.94
C PHE A 191 -10.14 5.86 6.35
N SER A 192 -11.37 5.81 6.87
CA SER A 192 -12.41 6.73 6.45
C SER A 192 -12.37 7.98 7.32
N TRP A 193 -12.54 9.13 6.68
CA TRP A 193 -12.49 10.43 7.35
C TRP A 193 -11.17 10.62 8.10
N ASP A 194 -10.07 10.23 7.45
CA ASP A 194 -8.74 10.28 8.04
C ASP A 194 -8.11 11.62 7.70
N LYS A 195 -8.25 12.58 8.61
CA LYS A 195 -7.69 13.92 8.42
C LYS A 195 -6.32 14.07 9.06
N ARG A 196 -5.56 12.98 9.21
CA ARG A 196 -4.32 13.04 9.95
C ARG A 196 -3.19 13.66 9.15
N TYR A 197 -3.26 13.59 7.82
CA TYR A 197 -2.20 14.09 6.96
C TYR A 197 -2.66 15.28 6.13
N CYS A 198 -3.68 15.99 6.64
CA CYS A 198 -4.30 17.10 5.91
C CYS A 198 -3.26 18.03 5.31
N GLU A 199 -2.39 18.57 6.15
CA GLU A 199 -1.58 19.73 5.80
C GLU A 199 -2.47 20.91 5.45
N ALA A 200 -3.37 21.22 6.38
CA ALA A 200 -4.28 22.34 6.21
C ALA A 200 -3.49 23.64 6.15
N GLY A 201 -3.85 24.48 5.21
CA GLY A 201 -3.08 25.66 4.91
C GLY A 201 -1.99 25.45 3.89
N PHE A 202 -1.96 24.27 3.25
CA PHE A 202 -1.12 24.10 2.07
C PHE A 202 -1.46 25.14 1.03
N SER A 203 -2.74 25.25 0.69
CA SER A 203 -3.29 26.39 -0.02
C SER A 203 -4.35 27.04 0.86
N SER A 204 -4.51 28.34 0.72
CA SER A 204 -5.46 29.06 1.55
C SER A 204 -6.00 30.24 0.77
N VAL A 205 -7.20 30.66 1.16
CA VAL A 205 -7.84 31.82 0.57
C VAL A 205 -8.92 32.27 1.54
N VAL A 206 -9.08 33.58 1.66
CA VAL A 206 -10.13 34.16 2.50
C VAL A 206 -11.17 34.77 1.56
N THR A 207 -12.41 34.31 1.68
CA THR A 207 -13.48 34.91 0.92
C THR A 207 -13.70 36.35 1.37
N GLN A 208 -14.40 37.13 0.54
CA GLN A 208 -14.62 38.53 0.85
C GLN A 208 -15.49 38.68 2.11
N ALA A 209 -16.41 37.75 2.35
CA ALA A 209 -17.20 37.79 3.57
C ALA A 209 -16.33 37.58 4.80
N GLY A 210 -15.24 36.83 4.67
CA GLY A 210 -14.32 36.64 5.76
C GLY A 210 -14.16 35.20 6.20
N GLU A 211 -14.52 34.26 5.33
CA GLU A 211 -14.36 32.85 5.63
C GLU A 211 -13.00 32.38 5.14
N LEU A 212 -12.25 31.74 6.03
CA LEU A 212 -10.92 31.24 5.71
C LEU A 212 -11.05 29.82 5.14
N VAL A 213 -10.84 29.69 3.83
CA VAL A 213 -10.89 28.40 3.16
C VAL A 213 -9.48 27.85 3.07
N LEU A 214 -9.26 26.66 3.62
CA LEU A 214 -7.96 26.02 3.65
C LEU A 214 -7.94 24.82 2.72
N GLY A 215 -6.95 24.76 1.84
CA GLY A 215 -6.70 23.55 1.11
C GLY A 215 -5.87 22.58 1.93
N ALA A 216 -6.29 21.32 1.93
CA ALA A 216 -5.60 20.25 2.67
C ALA A 216 -5.46 19.06 1.74
N PRO A 217 -4.46 19.07 0.85
CA PRO A 217 -4.37 18.03 -0.19
C PRO A 217 -4.06 16.65 0.35
N GLY A 218 -3.62 16.52 1.60
CA GLY A 218 -3.43 15.23 2.20
C GLY A 218 -4.60 14.73 3.01
N GLY A 219 -5.68 15.51 3.08
CA GLY A 219 -6.80 15.12 3.90
C GLY A 219 -7.55 13.95 3.32
N TYR A 220 -8.18 13.17 4.21
CA TYR A 220 -8.92 11.97 3.85
C TYR A 220 -8.01 10.95 3.17
N TYR A 221 -6.84 10.74 3.78
CA TYR A 221 -5.81 9.85 3.29
C TYR A 221 -5.37 10.25 1.88
N PHE A 222 -4.93 11.51 1.77
CA PHE A 222 -4.34 12.10 0.57
C PHE A 222 -5.35 12.26 -0.56
N LEU A 223 -6.63 12.13 -0.28
CA LEU A 223 -7.63 12.51 -1.26
C LEU A 223 -7.73 14.03 -1.38
N GLY A 224 -7.61 14.71 -0.24
CA GLY A 224 -7.68 16.15 -0.18
C GLY A 224 -9.02 16.63 0.33
N LEU A 225 -9.00 17.75 1.04
CA LEU A 225 -10.24 18.34 1.56
C LEU A 225 -10.08 19.85 1.62
N LEU A 226 -11.21 20.52 1.82
CA LEU A 226 -11.24 21.94 2.12
C LEU A 226 -11.76 22.12 3.53
N ALA A 227 -11.14 23.04 4.26
CA ALA A 227 -11.58 23.43 5.59
C ALA A 227 -11.90 24.90 5.55
N GLN A 228 -13.14 25.24 5.87
CA GLN A 228 -13.59 26.63 5.88
C GLN A 228 -14.16 26.97 7.24
N ALA A 229 -13.76 28.11 7.77
CA ALA A 229 -14.29 28.66 9.01
C ALA A 229 -14.16 30.17 8.93
N PRO A 230 -15.11 30.91 9.48
CA PRO A 230 -15.00 32.38 9.48
C PRO A 230 -13.85 32.83 10.35
N VAL A 231 -13.16 33.88 9.90
CA VAL A 231 -12.00 34.38 10.64
C VAL A 231 -12.42 34.88 12.02
N ALA A 232 -13.57 35.55 12.10
CA ALA A 232 -14.07 36.01 13.39
C ALA A 232 -14.39 34.83 14.31
N ASP A 233 -14.95 33.76 13.75
CA ASP A 233 -15.24 32.56 14.53
C ASP A 233 -13.99 31.78 14.88
N ILE A 234 -12.90 31.97 14.14
CA ILE A 234 -11.64 31.37 14.53
C ILE A 234 -11.00 32.15 15.67
N PHE A 235 -11.08 33.49 15.60
CA PHE A 235 -10.53 34.31 16.67
C PHE A 235 -11.33 34.18 17.96
N SER A 236 -12.64 33.99 17.86
CA SER A 236 -13.46 33.88 19.07
C SER A 236 -13.42 32.50 19.68
N SER A 237 -13.21 31.46 18.87
CA SER A 237 -13.20 30.08 19.36
C SER A 237 -11.83 29.62 19.81
N TYR A 238 -10.80 30.43 19.64
CA TYR A 238 -9.44 30.02 19.95
C TYR A 238 -9.10 30.36 21.39
N ARG A 239 -8.76 29.34 22.17
CA ARG A 239 -8.24 29.50 23.52
C ARG A 239 -6.80 29.04 23.55
N PRO A 240 -5.86 29.88 23.96
CA PRO A 240 -4.46 29.44 24.02
C PRO A 240 -4.26 28.39 25.11
N GLY A 241 -3.51 27.35 24.76
CA GLY A 241 -3.34 26.23 25.66
C GLY A 241 -4.19 25.05 25.24
N ILE A 242 -5.42 25.32 24.85
CA ILE A 242 -6.27 24.27 24.27
C ILE A 242 -5.74 23.95 22.88
N LEU A 243 -5.41 22.68 22.65
CA LEU A 243 -4.84 22.26 21.38
C LEU A 243 -5.88 21.67 20.44
N LEU A 244 -6.81 20.88 20.96
CA LEU A 244 -7.84 20.24 20.17
C LEU A 244 -9.17 20.88 20.54
N TRP A 245 -9.62 21.82 19.71
CA TRP A 245 -10.94 22.41 19.84
C TRP A 245 -11.63 22.36 18.49
N HIS A 246 -12.84 22.89 18.44
CA HIS A 246 -13.67 22.84 17.24
C HIS A 246 -14.32 24.20 17.04
N VAL A 247 -14.04 24.82 15.90
CA VAL A 247 -14.78 26.02 15.52
C VAL A 247 -16.21 25.62 15.17
N SER A 248 -17.17 26.33 15.74
CA SER A 248 -18.58 25.95 15.55
C SER A 248 -18.98 26.08 14.09
N SER A 249 -18.63 27.20 13.46
CA SER A 249 -18.98 27.47 12.07
C SER A 249 -18.05 26.79 11.08
N GLN A 250 -17.19 25.88 11.54
CA GLN A 250 -16.25 25.22 10.66
C GLN A 250 -16.96 24.22 9.76
N SER A 251 -16.60 24.22 8.48
CA SER A 251 -17.20 23.34 7.48
C SER A 251 -16.08 22.68 6.69
N LEU A 252 -16.07 21.36 6.67
CA LEU A 252 -15.05 20.59 5.95
C LEU A 252 -15.65 19.87 4.77
N SER A 253 -14.79 19.50 3.83
CA SER A 253 -15.21 18.76 2.66
C SER A 253 -15.56 17.33 3.04
N PHE A 254 -15.92 16.53 2.04
CA PHE A 254 -16.40 15.18 2.26
C PHE A 254 -15.41 14.16 1.71
N ASP A 255 -15.31 13.03 2.40
CA ASP A 255 -14.50 11.92 1.95
C ASP A 255 -15.16 11.26 0.74
N SER A 256 -14.38 10.49 0.00
CA SER A 256 -14.86 9.85 -1.21
C SER A 256 -14.27 8.46 -1.34
N SER A 257 -15.04 7.56 -1.92
CA SER A 257 -14.57 6.22 -2.26
C SER A 257 -14.34 6.07 -3.75
N ASN A 258 -14.66 7.08 -4.54
CA ASN A 258 -14.38 7.10 -5.97
C ASN A 258 -12.88 7.06 -6.19
N PRO A 259 -12.33 6.02 -6.84
CA PRO A 259 -10.87 5.94 -7.01
C PRO A 259 -10.29 7.02 -7.90
N GLU A 260 -11.13 7.81 -8.59
CA GLU A 260 -10.61 8.96 -9.31
C GLU A 260 -10.09 10.04 -8.38
N TYR A 261 -10.53 10.05 -7.13
CA TYR A 261 -10.10 11.04 -6.15
C TYR A 261 -8.92 10.58 -5.31
N PHE A 262 -8.54 9.31 -5.40
CA PHE A 262 -7.45 8.81 -4.59
C PHE A 262 -6.14 9.47 -5.01
N ASP A 263 -5.42 10.02 -4.03
CA ASP A 263 -4.15 10.71 -4.24
C ASP A 263 -4.28 11.91 -5.14
N GLY A 264 -5.49 12.46 -5.26
CA GLY A 264 -5.73 13.59 -6.11
C GLY A 264 -5.14 14.89 -5.61
N TYR A 265 -4.85 14.98 -4.32
CA TYR A 265 -4.32 16.19 -3.70
C TYR A 265 -5.29 17.35 -3.89
N TRP A 266 -6.57 17.06 -3.67
CA TRP A 266 -7.63 18.05 -3.77
C TRP A 266 -7.43 19.12 -2.70
N GLY A 267 -7.25 20.36 -3.13
CA GLY A 267 -6.85 21.41 -2.22
C GLY A 267 -5.41 21.83 -2.34
N TYR A 268 -4.69 21.28 -3.33
CA TYR A 268 -3.33 21.75 -3.61
C TYR A 268 -3.33 23.24 -3.92
N SER A 269 -4.34 23.71 -4.65
CA SER A 269 -4.56 25.12 -4.87
C SER A 269 -6.05 25.41 -4.70
N VAL A 270 -6.36 26.56 -4.12
CA VAL A 270 -7.74 26.97 -3.93
C VAL A 270 -7.88 28.42 -4.37
N ALA A 271 -9.06 28.75 -4.87
CA ALA A 271 -9.44 30.12 -5.18
C ALA A 271 -10.91 30.28 -4.86
N VAL A 272 -11.38 31.52 -4.90
CA VAL A 272 -12.80 31.82 -4.70
C VAL A 272 -13.25 32.75 -5.80
N GLY A 273 -14.41 32.46 -6.37
CA GLY A 273 -14.96 33.29 -7.42
C GLY A 273 -16.47 33.34 -7.41
N GLU A 274 -17.05 33.83 -8.51
CA GLU A 274 -18.49 33.83 -8.71
C GLU A 274 -18.75 33.03 -9.98
N PHE A 275 -19.19 31.78 -9.81
CA PHE A 275 -19.33 30.87 -10.95
C PHE A 275 -20.71 30.22 -11.01
N ASP A 276 -21.70 30.79 -10.33
CA ASP A 276 -23.06 30.25 -10.44
C ASP A 276 -24.13 31.33 -10.55
N GLY A 277 -23.76 32.57 -10.81
CA GLY A 277 -24.74 33.64 -10.98
C GLY A 277 -25.24 34.27 -9.71
N ASP A 278 -25.60 33.46 -8.73
CA ASP A 278 -26.08 33.96 -7.44
C ASP A 278 -24.93 34.64 -6.72
N LEU A 279 -24.93 35.97 -6.71
CA LEU A 279 -23.84 36.72 -6.12
C LEU A 279 -23.91 36.81 -4.61
N ASN A 280 -24.81 36.07 -3.96
CA ASN A 280 -24.88 36.00 -2.51
C ASN A 280 -24.10 34.83 -1.94
N THR A 281 -23.60 33.93 -2.79
CA THR A 281 -22.82 32.79 -2.38
C THR A 281 -21.44 32.85 -3.01
N THR A 282 -20.47 32.20 -2.37
CA THR A 282 -19.09 32.17 -2.86
C THR A 282 -18.78 30.79 -3.39
N GLU A 283 -18.20 30.74 -4.58
CA GLU A 283 -17.81 29.48 -5.22
C GLU A 283 -16.33 29.22 -4.98
N TYR A 284 -16.01 28.01 -4.55
CA TYR A 284 -14.63 27.61 -4.36
C TYR A 284 -14.10 26.99 -5.64
N VAL A 285 -12.84 27.26 -5.94
CA VAL A 285 -12.17 26.72 -7.12
C VAL A 285 -10.97 25.92 -6.61
N VAL A 286 -11.12 24.61 -6.57
CA VAL A 286 -10.14 23.72 -5.97
C VAL A 286 -9.38 23.00 -7.06
N GLY A 287 -8.05 23.03 -6.98
CA GLY A 287 -7.20 22.29 -7.90
C GLY A 287 -6.79 20.96 -7.29
N ALA A 288 -6.95 19.89 -8.07
CA ALA A 288 -6.53 18.55 -7.70
C ALA A 288 -5.58 18.06 -8.78
N PRO A 289 -4.29 18.37 -8.66
CA PRO A 289 -3.38 18.21 -9.81
C PRO A 289 -3.01 16.77 -10.12
N THR A 290 -3.32 15.82 -9.24
CA THR A 290 -3.10 14.40 -9.51
C THR A 290 -4.42 13.65 -9.50
N TRP A 291 -5.53 14.35 -9.75
CA TRP A 291 -6.84 13.74 -9.75
C TRP A 291 -7.00 12.80 -10.94
N SER A 292 -7.61 11.64 -10.70
CA SER A 292 -7.83 10.61 -11.71
C SER A 292 -6.51 10.15 -12.32
N TRP A 293 -5.66 9.59 -11.45
CA TRP A 293 -4.40 8.98 -11.86
C TRP A 293 -3.49 10.00 -12.55
N THR A 294 -3.22 11.07 -11.82
CA THR A 294 -2.33 12.16 -12.21
C THR A 294 -2.78 12.87 -13.47
N LEU A 295 -4.05 12.74 -13.85
CA LEU A 295 -4.58 13.55 -14.93
C LEU A 295 -4.71 15.00 -14.49
N GLY A 296 -5.34 15.22 -13.34
CA GLY A 296 -5.49 16.56 -12.80
C GLY A 296 -6.88 17.09 -13.02
N ALA A 297 -7.39 17.85 -12.06
CA ALA A 297 -8.70 18.46 -12.22
C ALA A 297 -8.74 19.78 -11.46
N VAL A 298 -9.74 20.58 -11.81
CA VAL A 298 -10.10 21.78 -11.08
C VAL A 298 -11.61 21.78 -10.95
N GLU A 299 -12.11 21.71 -9.74
CA GLU A 299 -13.54 21.63 -9.48
C GLU A 299 -14.06 22.95 -8.95
N ILE A 300 -15.16 23.41 -9.52
CA ILE A 300 -15.93 24.51 -8.96
C ILE A 300 -16.94 23.92 -7.99
N LEU A 301 -17.11 24.56 -6.84
CA LEU A 301 -18.05 24.11 -5.83
C LEU A 301 -18.76 25.32 -5.26
N ASP A 302 -19.71 25.07 -4.37
CA ASP A 302 -20.34 26.11 -3.59
C ASP A 302 -19.84 26.02 -2.14
N SER A 303 -20.42 26.87 -1.29
CA SER A 303 -20.02 26.89 0.12
C SER A 303 -20.26 25.55 0.83
N TYR A 304 -21.04 24.65 0.23
CA TYR A 304 -21.33 23.35 0.81
C TYR A 304 -20.55 22.22 0.15
N TYR A 305 -19.54 22.56 -0.66
CA TYR A 305 -18.63 21.59 -1.26
C TYR A 305 -19.34 20.64 -2.22
N GLN A 306 -20.46 21.08 -2.79
CA GLN A 306 -21.13 20.34 -3.85
C GLN A 306 -20.50 20.75 -5.18
N ARG A 307 -19.94 19.78 -5.90
CA ARG A 307 -19.19 20.07 -7.11
C ARG A 307 -20.12 20.62 -8.18
N LEU A 308 -20.00 21.92 -8.47
CA LEU A 308 -20.77 22.52 -9.54
C LEU A 308 -20.24 22.10 -10.91
N HIS A 309 -18.94 22.28 -11.12
CA HIS A 309 -18.30 21.92 -12.37
C HIS A 309 -16.94 21.32 -12.08
N ARG A 310 -16.43 20.54 -13.03
CA ARG A 310 -15.10 19.95 -12.92
C ARG A 310 -14.39 20.07 -14.25
N LEU A 311 -13.26 20.76 -14.25
CA LEU A 311 -12.40 20.85 -15.42
C LEU A 311 -11.30 19.82 -15.31
N ARG A 312 -11.15 18.98 -16.33
CA ARG A 312 -10.22 17.87 -16.30
C ARG A 312 -8.91 18.26 -16.95
N GLY A 313 -7.85 17.58 -16.51
CA GLY A 313 -6.54 17.83 -17.09
C GLY A 313 -6.47 17.40 -18.55
N GLU A 314 -5.64 18.10 -19.31
CA GLU A 314 -5.48 17.79 -20.72
C GLU A 314 -4.44 16.69 -20.94
N GLN A 315 -3.56 16.47 -19.97
CA GLN A 315 -2.43 15.56 -20.14
C GLN A 315 -2.09 14.94 -18.80
N MET A 316 -1.71 13.67 -18.83
CA MET A 316 -1.29 12.97 -17.62
C MET A 316 -0.02 13.60 -17.06
N ALA A 317 0.03 13.72 -15.74
CA ALA A 317 1.20 14.17 -15.00
C ALA A 317 1.62 15.60 -15.33
N SER A 318 0.72 16.38 -15.93
CA SER A 318 1.00 17.78 -16.21
C SER A 318 0.71 18.68 -15.03
N TYR A 319 0.11 18.14 -13.96
CA TYR A 319 -0.25 18.89 -12.76
C TYR A 319 -1.26 19.99 -13.08
N PHE A 320 -2.31 19.61 -13.80
CA PHE A 320 -3.42 20.52 -14.06
C PHE A 320 -4.16 20.79 -12.76
N GLY A 321 -4.14 22.04 -12.32
CA GLY A 321 -4.67 22.41 -11.03
C GLY A 321 -3.62 22.73 -10.01
N HIS A 322 -2.35 22.85 -10.42
CA HIS A 322 -1.30 23.24 -9.49
C HIS A 322 -1.52 24.65 -8.97
N SER A 323 -1.89 25.57 -9.86
CA SER A 323 -2.31 26.91 -9.49
C SER A 323 -3.63 27.21 -10.17
N VAL A 324 -4.48 27.96 -9.48
CA VAL A 324 -5.76 28.39 -10.00
C VAL A 324 -5.93 29.86 -9.67
N ALA A 325 -6.35 30.65 -10.65
CA ALA A 325 -6.61 32.06 -10.47
C ALA A 325 -8.00 32.36 -10.98
N VAL A 326 -8.69 33.27 -10.31
CA VAL A 326 -10.06 33.66 -10.67
C VAL A 326 -10.04 35.16 -10.93
N THR A 327 -10.15 35.52 -12.21
CA THR A 327 -10.16 36.92 -12.62
C THR A 327 -11.23 37.09 -13.69
N ASP A 328 -11.59 38.34 -13.94
CA ASP A 328 -12.46 38.69 -15.05
C ASP A 328 -11.56 39.29 -16.12
N VAL A 329 -10.95 38.41 -16.94
CA VAL A 329 -9.94 38.87 -17.89
C VAL A 329 -10.53 39.48 -19.15
N ASN A 330 -11.83 39.33 -19.40
CA ASN A 330 -12.44 39.87 -20.60
C ASN A 330 -13.55 40.86 -20.30
N GLY A 331 -13.56 41.45 -19.10
CA GLY A 331 -14.37 42.61 -18.81
C GLY A 331 -15.87 42.42 -18.92
N ASP A 332 -16.36 41.18 -18.86
CA ASP A 332 -17.78 40.91 -18.98
C ASP A 332 -18.44 40.64 -17.63
N GLY A 333 -17.79 41.04 -16.54
CA GLY A 333 -18.35 40.90 -15.22
C GLY A 333 -18.33 39.51 -14.63
N ARG A 334 -18.21 38.48 -15.45
CA ARG A 334 -18.21 37.10 -14.97
C ARG A 334 -16.77 36.63 -14.75
N HIS A 335 -16.51 36.13 -13.55
CA HIS A 335 -15.17 35.66 -13.22
C HIS A 335 -14.76 34.51 -14.12
N ASP A 336 -13.55 34.58 -14.64
CA ASP A 336 -12.96 33.51 -15.44
C ASP A 336 -11.99 32.72 -14.60
N LEU A 337 -11.61 31.55 -15.11
CA LEU A 337 -10.75 30.63 -14.38
C LEU A 337 -9.48 30.39 -15.18
N LEU A 338 -8.34 30.68 -14.56
CA LEU A 338 -7.03 30.34 -15.12
C LEU A 338 -6.45 29.19 -14.31
N VAL A 339 -6.11 28.10 -15.00
CA VAL A 339 -5.54 26.92 -14.37
C VAL A 339 -4.12 26.74 -14.88
N GLY A 340 -3.18 26.57 -13.97
CA GLY A 340 -1.80 26.33 -14.32
C GLY A 340 -1.49 24.84 -14.34
N ALA A 341 -0.79 24.41 -15.39
CA ALA A 341 -0.32 23.04 -15.52
C ALA A 341 1.18 23.13 -15.79
N PRO A 342 1.98 23.40 -14.75
CA PRO A 342 3.39 23.74 -14.98
C PRO A 342 4.23 22.62 -15.55
N LEU A 343 3.77 21.38 -15.47
CA LEU A 343 4.51 20.24 -16.01
C LEU A 343 3.97 19.76 -17.34
N TYR A 344 3.18 20.58 -18.02
CA TYR A 344 2.61 20.20 -19.29
C TYR A 344 3.71 20.06 -20.34
N MET A 345 3.67 18.97 -21.09
CA MET A 345 4.66 18.69 -22.13
C MET A 345 4.05 18.96 -23.50
N GLU A 346 4.66 19.87 -24.24
CA GLU A 346 4.26 20.17 -25.61
C GLU A 346 5.09 19.38 -26.60
N SER A 347 4.68 19.45 -27.87
CA SER A 347 5.31 18.68 -28.93
C SER A 347 6.40 19.49 -29.62
N ARG A 348 7.59 18.90 -29.75
CA ARG A 348 8.71 19.52 -30.44
C ARG A 348 9.39 18.47 -31.33
N ALA A 349 10.53 18.84 -31.90
CA ALA A 349 11.29 17.97 -32.78
C ALA A 349 12.56 17.44 -32.13
N ASP A 350 13.41 18.33 -31.61
CA ASP A 350 14.59 17.91 -30.86
C ASP A 350 14.23 17.34 -29.50
N ARG A 351 13.01 17.58 -29.02
CA ARG A 351 12.48 16.96 -27.81
C ARG A 351 11.13 16.36 -28.16
N LYS A 352 10.93 15.09 -27.83
CA LYS A 352 9.66 14.43 -28.15
C LYS A 352 8.50 15.19 -27.51
N LEU A 353 8.48 15.25 -26.18
CA LEU A 353 7.53 16.06 -25.44
C LEU A 353 8.31 16.97 -24.52
N ALA A 354 8.12 18.28 -24.67
CA ALA A 354 8.90 19.28 -23.96
C ALA A 354 8.08 19.80 -22.79
N GLU A 355 8.53 19.51 -21.57
CA GLU A 355 7.86 19.99 -20.36
C GLU A 355 8.10 21.49 -20.26
N VAL A 356 7.10 22.28 -20.68
CA VAL A 356 7.23 23.73 -20.71
C VAL A 356 6.25 24.36 -19.76
N GLY A 357 5.16 23.66 -19.48
CA GLY A 357 4.07 24.21 -18.70
C GLY A 357 3.00 24.86 -19.57
N ARG A 358 1.80 24.94 -19.02
CA ARG A 358 0.68 25.51 -19.75
C ARG A 358 -0.31 26.11 -18.76
N VAL A 359 -0.93 27.22 -19.18
CA VAL A 359 -2.01 27.85 -18.44
C VAL A 359 -3.27 27.78 -19.29
N TYR A 360 -4.35 27.32 -18.70
CA TYR A 360 -5.63 27.17 -19.37
C TYR A 360 -6.56 28.28 -18.92
N LEU A 361 -7.13 28.99 -19.87
CA LEU A 361 -8.10 30.04 -19.59
C LEU A 361 -9.50 29.51 -19.86
N PHE A 362 -10.37 29.60 -18.87
CA PHE A 362 -11.76 29.19 -18.99
C PHE A 362 -12.62 30.42 -18.76
N LEU A 363 -13.11 31.02 -19.84
CA LEU A 363 -14.02 32.16 -19.73
C LEU A 363 -15.39 31.67 -19.31
N GLN A 364 -15.96 32.34 -18.32
CA GLN A 364 -17.28 31.95 -17.84
C GLN A 364 -18.35 32.53 -18.76
N PRO A 365 -19.18 31.70 -19.38
CA PRO A 365 -20.24 32.24 -20.24
C PRO A 365 -21.54 32.44 -19.47
N ARG A 366 -22.44 33.23 -20.04
CA ARG A 366 -23.75 33.44 -19.43
C ARG A 366 -24.57 32.17 -19.53
N GLY A 367 -24.69 31.45 -18.42
CA GLY A 367 -25.36 30.16 -18.41
C GLY A 367 -25.25 29.50 -17.05
N PRO A 368 -25.96 28.37 -16.86
CA PRO A 368 -25.93 27.70 -15.56
C PRO A 368 -24.52 27.30 -15.15
N HIS A 369 -23.87 26.44 -15.93
CA HIS A 369 -22.43 26.22 -15.78
C HIS A 369 -21.67 26.63 -17.03
N ALA A 370 -21.95 26.00 -18.18
CA ALA A 370 -21.47 26.42 -19.49
C ALA A 370 -19.95 26.45 -19.60
N LEU A 371 -19.24 26.07 -18.55
CA LEU A 371 -17.78 26.12 -18.54
C LEU A 371 -17.25 24.86 -19.21
N GLY A 372 -16.80 24.97 -20.45
CA GLY A 372 -16.44 23.79 -21.20
C GLY A 372 -14.97 23.64 -21.48
N ALA A 373 -14.58 23.87 -22.74
CA ALA A 373 -13.19 23.77 -23.16
C ALA A 373 -12.46 25.06 -22.84
N PRO A 374 -11.15 25.00 -22.63
CA PRO A 374 -10.38 26.23 -22.39
C PRO A 374 -10.43 27.14 -23.60
N SER A 375 -10.80 28.39 -23.36
CA SER A 375 -10.92 29.36 -24.44
C SER A 375 -9.57 29.85 -24.94
N LEU A 376 -8.51 29.64 -24.16
CA LEU A 376 -7.18 30.03 -24.57
C LEU A 376 -6.18 29.12 -23.88
N LEU A 377 -5.08 28.84 -24.57
CA LEU A 377 -4.01 28.02 -24.03
C LEU A 377 -2.73 28.83 -24.08
N LEU A 378 -2.22 29.19 -22.91
CA LEU A 378 -0.90 29.80 -22.80
C LEU A 378 0.10 28.69 -22.48
N THR A 379 1.11 28.56 -23.32
CA THR A 379 2.10 27.51 -23.15
C THR A 379 3.45 28.15 -22.91
N GLY A 380 4.30 27.45 -22.18
CA GLY A 380 5.64 27.93 -21.96
C GLY A 380 6.50 27.75 -23.20
N THR A 381 7.66 28.38 -23.15
CA THR A 381 8.63 28.25 -24.23
C THR A 381 9.95 27.69 -23.77
N GLN A 382 10.28 27.81 -22.50
CA GLN A 382 11.52 27.26 -21.96
C GLN A 382 11.27 25.86 -21.42
N LEU A 383 12.15 24.94 -21.78
CA LEU A 383 12.05 23.57 -21.31
C LEU A 383 12.25 23.53 -19.80
N TYR A 384 11.33 22.87 -19.09
CA TYR A 384 11.30 22.78 -17.64
C TYR A 384 11.08 24.14 -16.97
N GLY A 385 10.55 25.11 -17.72
CA GLY A 385 10.33 26.42 -17.15
C GLY A 385 9.24 26.46 -16.10
N ARG A 386 8.37 25.45 -16.08
CA ARG A 386 7.30 25.36 -15.09
C ARG A 386 6.31 26.52 -15.26
N PHE A 387 5.94 26.79 -16.50
CA PHE A 387 5.00 27.86 -16.82
C PHE A 387 3.61 27.50 -16.31
N GLY A 388 3.07 28.33 -15.42
CA GLY A 388 1.82 28.04 -14.77
C GLY A 388 1.92 27.65 -13.31
N SER A 389 3.11 27.76 -12.71
CA SER A 389 3.25 27.44 -11.30
C SER A 389 2.55 28.47 -10.44
N ALA A 390 2.63 29.75 -10.81
CA ALA A 390 1.87 30.80 -10.19
C ALA A 390 1.09 31.55 -11.27
N ILE A 391 -0.13 31.95 -10.94
CA ILE A 391 -0.94 32.78 -11.81
C ILE A 391 -1.53 33.87 -10.93
N ALA A 392 -1.08 35.10 -11.11
CA ALA A 392 -1.53 36.21 -10.29
C ALA A 392 -2.53 37.05 -11.06
N PRO A 393 -3.76 37.21 -10.58
CA PRO A 393 -4.62 38.28 -11.11
C PRO A 393 -4.00 39.64 -10.80
N LEU A 394 -3.58 40.34 -11.83
CA LEU A 394 -2.95 41.63 -11.66
C LEU A 394 -3.93 42.79 -11.53
N GLY A 395 -5.22 42.53 -11.69
CA GLY A 395 -6.14 43.62 -11.84
C GLY A 395 -5.89 44.30 -13.17
N ASP A 396 -6.55 45.45 -13.34
CA ASP A 396 -6.34 46.22 -14.56
C ASP A 396 -4.98 46.90 -14.49
N LEU A 397 -3.95 46.22 -15.01
CA LEU A 397 -2.59 46.73 -14.89
C LEU A 397 -2.42 48.05 -15.62
N ASP A 398 -2.86 48.12 -16.88
CA ASP A 398 -2.74 49.32 -17.68
C ASP A 398 -4.02 50.14 -17.71
N ARG A 399 -5.01 49.77 -16.90
CA ARG A 399 -6.24 50.54 -16.72
C ARG A 399 -6.93 50.81 -18.07
N ASP A 400 -7.16 49.72 -18.81
CA ASP A 400 -7.84 49.79 -20.11
C ASP A 400 -9.20 49.12 -20.09
N GLY A 401 -9.67 48.67 -18.93
CA GLY A 401 -10.98 48.10 -18.79
C GLY A 401 -11.01 46.59 -18.64
N TYR A 402 -9.93 45.91 -18.99
CA TYR A 402 -9.86 44.45 -18.92
C TYR A 402 -8.78 44.05 -17.94
N ASN A 403 -9.13 43.17 -17.01
CA ASN A 403 -8.17 42.69 -16.03
C ASN A 403 -7.07 41.88 -16.70
N ASP A 404 -5.89 41.90 -16.10
CA ASP A 404 -4.72 41.26 -16.68
C ASP A 404 -4.24 40.14 -15.78
N ILE A 405 -3.20 39.46 -16.23
CA ILE A 405 -2.76 38.20 -15.63
C ILE A 405 -1.24 38.13 -15.70
N ALA A 406 -0.62 37.70 -14.60
CA ALA A 406 0.80 37.41 -14.57
C ALA A 406 0.98 35.92 -14.34
N VAL A 407 1.67 35.26 -15.25
CA VAL A 407 2.00 33.84 -15.14
C VAL A 407 3.50 33.71 -14.95
N ALA A 408 3.90 32.94 -13.96
CA ALA A 408 5.31 32.77 -13.64
C ALA A 408 5.84 31.45 -14.20
N ALA A 409 6.99 31.54 -14.86
CA ALA A 409 7.82 30.38 -15.18
C ALA A 409 9.03 30.44 -14.26
N PRO A 410 8.95 29.85 -13.06
CA PRO A 410 10.04 30.03 -12.09
C PRO A 410 11.39 29.53 -12.55
N TYR A 411 11.45 28.78 -13.65
CA TYR A 411 12.70 28.30 -14.22
C TYR A 411 12.71 28.52 -15.72
N GLY A 412 12.01 29.55 -16.17
CA GLY A 412 11.92 29.89 -17.57
C GLY A 412 12.92 30.95 -17.96
N GLY A 413 12.68 31.57 -19.11
CA GLY A 413 13.66 32.44 -19.70
C GLY A 413 14.79 31.64 -20.31
N PRO A 414 15.51 32.23 -21.26
CA PRO A 414 16.57 31.48 -21.96
C PRO A 414 17.68 31.02 -21.04
N SER A 415 17.76 31.54 -19.82
CA SER A 415 18.79 31.15 -18.86
C SER A 415 18.27 30.20 -17.79
N GLY A 416 16.97 29.97 -17.72
CA GLY A 416 16.41 29.10 -16.71
C GLY A 416 16.39 29.69 -15.31
N ARG A 417 16.47 31.01 -15.18
CA ARG A 417 16.49 31.65 -13.87
C ARG A 417 15.10 32.04 -13.39
N GLY A 418 14.13 32.17 -14.29
CA GLY A 418 12.78 32.49 -13.88
C GLY A 418 12.21 33.67 -14.63
N GLN A 419 10.97 33.56 -15.06
CA GLN A 419 10.27 34.63 -15.74
C GLN A 419 8.88 34.80 -15.15
N VAL A 420 8.38 36.03 -15.25
CA VAL A 420 6.98 36.33 -15.01
C VAL A 420 6.47 37.01 -16.26
N LEU A 421 5.46 36.43 -16.89
CA LEU A 421 4.91 36.92 -18.14
C LEU A 421 3.57 37.57 -17.88
N VAL A 422 3.42 38.81 -18.32
CA VAL A 422 2.21 39.58 -18.12
C VAL A 422 1.35 39.44 -19.37
N PHE A 423 0.16 38.87 -19.20
CA PHE A 423 -0.80 38.69 -20.29
C PHE A 423 -1.95 39.65 -20.06
N LEU A 424 -2.14 40.58 -20.99
CA LEU A 424 -3.20 41.57 -20.85
C LEU A 424 -4.52 40.97 -21.30
N GLY A 425 -5.60 41.32 -20.59
CA GLY A 425 -6.91 40.90 -21.00
C GLY A 425 -7.41 41.70 -22.19
N GLN A 426 -8.31 41.07 -22.96
CA GLN A 426 -8.88 41.69 -24.13
C GLN A 426 -10.39 41.41 -24.12
N SER A 427 -11.06 41.82 -25.19
CA SER A 427 -12.51 41.62 -25.27
C SER A 427 -12.86 40.14 -25.39
N GLU A 428 -11.93 39.32 -25.84
CA GLU A 428 -12.17 37.91 -26.14
C GLU A 428 -11.26 37.01 -25.32
N GLY A 429 -10.93 37.43 -24.10
CA GLY A 429 -10.09 36.66 -23.21
C GLY A 429 -8.80 37.39 -22.90
N LEU A 430 -7.68 36.68 -23.02
CA LEU A 430 -6.36 37.25 -22.84
C LEU A 430 -5.67 37.42 -24.19
N ARG A 431 -4.50 38.04 -24.17
CA ARG A 431 -3.61 38.09 -25.32
C ARG A 431 -2.76 36.83 -25.30
N SER A 432 -2.66 36.16 -26.45
CA SER A 432 -1.89 34.93 -26.52
C SER A 432 -0.39 35.18 -26.40
N ARG A 433 0.04 36.42 -26.60
CA ARG A 433 1.44 36.83 -26.48
C ARG A 433 1.63 37.72 -25.26
N PRO A 434 2.62 37.46 -24.43
CA PRO A 434 2.82 38.29 -23.23
C PRO A 434 3.20 39.71 -23.59
N SER A 435 2.49 40.67 -23.00
CA SER A 435 2.80 42.07 -23.24
C SER A 435 4.10 42.48 -22.57
N GLN A 436 4.59 41.68 -21.64
CA GLN A 436 5.81 41.99 -20.91
C GLN A 436 6.32 40.72 -20.25
N VAL A 437 7.63 40.55 -20.22
CA VAL A 437 8.27 39.45 -19.51
C VAL A 437 9.19 40.06 -18.46
N LEU A 438 9.09 39.55 -17.24
CA LEU A 438 9.91 40.01 -16.12
C LEU A 438 10.94 38.94 -15.85
N ASP A 439 12.16 39.15 -16.32
CA ASP A 439 13.22 38.19 -16.10
C ASP A 439 13.73 38.28 -14.67
N SER A 440 14.20 37.15 -14.17
CA SER A 440 14.64 37.05 -12.79
C SER A 440 15.83 37.97 -12.54
N PRO A 441 15.74 38.91 -11.61
CA PRO A 441 16.91 39.67 -11.18
C PRO A 441 17.82 38.92 -10.23
N PHE A 442 17.54 37.67 -9.96
CA PHE A 442 18.26 36.85 -9.00
C PHE A 442 19.01 35.72 -9.70
N PRO A 443 19.99 35.11 -9.04
CA PRO A 443 20.74 34.02 -9.67
C PRO A 443 19.89 32.79 -9.94
N THR A 444 20.47 31.77 -10.55
CA THR A 444 19.75 30.56 -10.86
C THR A 444 19.38 29.82 -9.58
N GLY A 445 18.28 29.08 -9.64
CA GLY A 445 17.76 28.39 -8.48
C GLY A 445 16.90 29.23 -7.56
N SER A 446 16.76 30.54 -7.85
CA SER A 446 15.97 31.41 -7.00
C SER A 446 14.49 31.10 -7.05
N ALA A 447 14.04 30.39 -8.08
CA ALA A 447 12.61 30.09 -8.27
C ALA A 447 11.80 31.38 -8.34
N PHE A 448 12.33 32.36 -9.07
CA PHE A 448 11.69 33.65 -9.26
C PHE A 448 10.32 33.49 -9.90
N GLY A 449 9.27 33.82 -9.16
CA GLY A 449 7.91 33.67 -9.64
C GLY A 449 7.15 32.55 -8.98
N PHE A 450 7.80 31.72 -8.16
CA PHE A 450 7.08 30.65 -7.48
C PHE A 450 5.87 31.19 -6.72
N SER A 451 5.99 32.39 -6.15
CA SER A 451 4.87 33.10 -5.58
C SER A 451 4.69 34.42 -6.31
N LEU A 452 3.44 34.78 -6.57
CA LEU A 452 3.09 36.02 -7.23
C LEU A 452 1.94 36.67 -6.48
N ARG A 453 1.83 37.99 -6.63
CA ARG A 453 0.72 38.72 -6.00
C ARG A 453 0.59 40.07 -6.68
N GLY A 454 -0.59 40.35 -7.21
CA GLY A 454 -0.88 41.62 -7.85
C GLY A 454 -2.18 42.21 -7.35
N ALA A 455 -2.77 43.06 -8.20
CA ALA A 455 -4.11 43.61 -8.00
C ALA A 455 -4.16 44.66 -6.89
N VAL A 456 -3.05 44.88 -6.20
CA VAL A 456 -2.99 45.84 -5.11
C VAL A 456 -1.95 46.89 -5.42
N ASP A 457 -2.19 48.12 -4.96
CA ASP A 457 -1.36 49.27 -5.26
C ASP A 457 -0.58 49.65 -4.01
N ILE A 458 0.68 49.20 -3.93
CA ILE A 458 1.49 49.48 -2.75
C ILE A 458 1.84 50.96 -2.66
N ASP A 459 2.42 51.51 -3.73
CA ASP A 459 2.89 52.89 -3.69
C ASP A 459 1.78 53.91 -3.94
N ASP A 460 0.56 53.44 -4.21
CA ASP A 460 -0.62 54.31 -4.29
C ASP A 460 -0.47 55.35 -5.41
N ASN A 461 -0.12 54.89 -6.60
CA ASN A 461 -0.06 55.75 -7.77
C ASN A 461 -1.20 55.46 -8.74
N GLY A 462 -2.20 54.70 -8.33
CA GLY A 462 -3.36 54.42 -9.13
C GLY A 462 -3.29 53.13 -9.94
N TYR A 463 -2.09 52.58 -10.14
CA TYR A 463 -1.91 51.38 -10.93
C TYR A 463 -1.53 50.21 -10.05
N PRO A 464 -2.13 49.04 -10.23
CA PRO A 464 -1.81 47.91 -9.35
C PRO A 464 -0.43 47.35 -9.66
N ASP A 465 0.28 46.96 -8.61
CA ASP A 465 1.66 46.51 -8.73
C ASP A 465 1.72 44.99 -8.58
N LEU A 466 2.90 44.45 -8.84
CA LEU A 466 3.13 43.01 -8.79
C LEU A 466 4.27 42.72 -7.84
N ILE A 467 4.04 41.79 -6.92
CA ILE A 467 5.04 41.35 -5.95
C ILE A 467 5.42 39.92 -6.31
N VAL A 468 6.68 39.73 -6.68
CA VAL A 468 7.19 38.43 -7.11
C VAL A 468 8.10 37.89 -6.03
N GLY A 469 7.94 36.61 -5.71
CA GLY A 469 8.74 35.99 -4.67
C GLY A 469 9.69 34.93 -5.16
N ALA A 470 10.98 35.17 -4.97
CA ALA A 470 12.02 34.19 -5.28
C ALA A 470 12.51 33.62 -3.95
N TYR A 471 11.96 32.47 -3.56
CA TYR A 471 12.34 31.90 -2.27
C TYR A 471 13.73 31.27 -2.30
N GLY A 472 14.24 30.91 -3.48
CA GLY A 472 15.60 30.41 -3.55
C GLY A 472 16.62 31.50 -3.33
N ALA A 473 16.29 32.73 -3.72
CA ALA A 473 17.11 33.89 -3.39
C ALA A 473 16.75 34.48 -2.03
N ASN A 474 15.70 33.97 -1.39
CA ASN A 474 15.21 34.49 -0.12
C ASN A 474 14.87 35.98 -0.23
N GLN A 475 14.33 36.37 -1.37
CA GLN A 475 14.02 37.77 -1.64
C GLN A 475 12.66 37.88 -2.32
N VAL A 476 12.13 39.09 -2.29
CA VAL A 476 10.85 39.42 -2.91
C VAL A 476 11.07 40.65 -3.77
N ALA A 477 10.78 40.54 -5.06
CA ALA A 477 10.89 41.67 -5.97
C ALA A 477 9.54 42.36 -6.10
N VAL A 478 9.56 43.67 -6.07
CA VAL A 478 8.35 44.49 -6.16
C VAL A 478 8.39 45.24 -7.48
N TYR A 479 7.55 44.83 -8.42
CA TYR A 479 7.42 45.53 -9.69
C TYR A 479 6.27 46.51 -9.60
N ARG A 480 6.53 47.76 -9.97
CA ARG A 480 5.54 48.82 -9.87
C ARG A 480 5.05 49.20 -11.26
N ALA A 481 3.73 49.33 -11.41
CA ALA A 481 3.14 49.63 -12.70
C ALA A 481 3.24 51.12 -12.99
N GLN A 482 3.80 51.44 -14.15
CA GLN A 482 3.92 52.83 -14.58
C GLN A 482 2.63 53.30 -15.24
N PRO A 483 2.36 54.61 -15.22
CA PRO A 483 1.19 55.16 -15.91
C PRO A 483 1.25 54.98 -17.42
N VAL B 84 24.71 24.37 -55.56
CA VAL B 84 23.70 23.35 -55.29
C VAL B 84 23.83 22.83 -53.87
N SER B 85 22.74 22.28 -53.34
CA SER B 85 22.72 21.70 -52.00
C SER B 85 22.83 20.19 -52.11
N GLU B 86 23.80 19.62 -51.43
CA GLU B 86 24.07 18.19 -51.51
C GLU B 86 24.15 17.59 -50.12
N ALA B 87 24.07 16.26 -50.07
CA ALA B 87 24.19 15.49 -48.83
C ALA B 87 25.28 14.45 -49.06
N ARG B 88 26.51 14.78 -48.67
CA ARG B 88 27.64 13.88 -48.83
C ARG B 88 27.78 12.98 -47.62
N VAL B 89 28.01 11.70 -47.86
CA VAL B 89 28.13 10.70 -46.80
C VAL B 89 29.60 10.56 -46.44
N LEU B 90 29.92 10.81 -45.17
CA LEU B 90 31.30 10.76 -44.71
C LEU B 90 31.66 9.39 -44.15
N GLU B 91 30.94 8.95 -43.12
CA GLU B 91 31.13 7.63 -42.52
C GLU B 91 29.94 6.77 -42.89
N ASP B 92 30.17 5.71 -43.67
CA ASP B 92 29.13 4.75 -44.02
C ASP B 92 29.68 3.36 -43.74
N ARG B 93 29.53 2.91 -42.49
CA ARG B 93 29.86 1.51 -42.30
C ARG B 93 28.63 0.65 -42.57
N PRO B 94 28.79 -0.49 -43.22
CA PRO B 94 27.63 -1.36 -43.48
C PRO B 94 27.06 -1.90 -42.19
N LEU B 95 25.74 -2.09 -42.18
CA LEU B 95 25.07 -2.61 -41.00
C LEU B 95 25.60 -4.00 -40.66
N SER B 96 25.74 -4.26 -39.36
CA SER B 96 26.21 -5.56 -38.92
C SER B 96 25.11 -6.60 -39.04
N ASP B 97 25.52 -7.87 -38.99
CA ASP B 97 24.58 -8.99 -39.04
C ASP B 97 24.28 -9.57 -37.66
N LYS B 98 25.29 -9.66 -36.79
CA LYS B 98 25.13 -10.14 -35.43
C LYS B 98 25.78 -9.16 -34.46
N GLY B 99 25.10 -8.90 -33.34
CA GLY B 99 25.67 -8.03 -32.33
C GLY B 99 26.64 -8.74 -31.41
N SER B 100 26.76 -10.06 -31.55
CA SER B 100 27.69 -10.82 -30.72
C SER B 100 29.11 -10.65 -31.22
N GLY B 101 30.06 -11.12 -30.43
CA GLY B 101 31.47 -11.05 -30.77
C GLY B 101 32.08 -9.73 -30.32
N ASP B 102 33.05 -9.27 -31.11
CA ASP B 102 33.71 -8.01 -30.82
C ASP B 102 32.74 -6.85 -31.01
N SER B 103 32.30 -6.27 -29.91
CA SER B 103 31.37 -5.16 -29.93
C SER B 103 32.12 -3.86 -30.14
N SER B 104 31.38 -2.74 -30.19
CA SER B 104 31.88 -1.42 -30.50
C SER B 104 32.22 -1.31 -31.98
N GLN B 105 32.14 -2.44 -32.70
CA GLN B 105 32.15 -2.46 -34.14
C GLN B 105 30.81 -2.83 -34.73
N VAL B 106 29.82 -3.11 -33.89
CA VAL B 106 28.46 -3.42 -34.33
C VAL B 106 27.78 -2.12 -34.70
N THR B 107 27.56 -1.91 -36.00
CA THR B 107 26.92 -0.72 -36.51
C THR B 107 25.47 -1.03 -36.82
N GLN B 108 24.55 -0.42 -36.07
CA GLN B 108 23.13 -0.61 -36.26
C GLN B 108 22.47 0.53 -37.02
N VAL B 109 23.23 1.57 -37.37
CA VAL B 109 22.73 2.69 -38.15
C VAL B 109 23.72 2.97 -39.27
N SER B 110 23.18 3.23 -40.47
CA SER B 110 24.02 3.50 -41.62
C SER B 110 23.30 4.51 -42.50
N PRO B 111 23.94 5.61 -42.91
CA PRO B 111 25.33 5.96 -42.57
C PRO B 111 25.48 6.46 -41.14
N GLN B 112 26.73 6.61 -40.69
CA GLN B 112 27.00 7.10 -39.35
C GLN B 112 27.40 8.57 -39.32
N ARG B 113 27.60 9.18 -40.48
CA ARG B 113 27.96 10.59 -40.55
C ARG B 113 27.66 11.10 -41.95
N ILE B 114 27.10 12.31 -42.02
CA ILE B 114 26.67 12.90 -43.28
C ILE B 114 26.99 14.39 -43.25
N ALA B 115 27.58 14.88 -44.34
CA ALA B 115 27.83 16.31 -44.52
C ALA B 115 26.72 16.87 -45.39
N LEU B 116 26.02 17.88 -44.88
CA LEU B 116 24.80 18.39 -45.49
C LEU B 116 25.01 19.86 -45.83
N ARG B 117 25.28 20.15 -47.11
CA ARG B 117 25.42 21.52 -47.59
C ARG B 117 24.04 21.99 -48.06
N LEU B 118 23.59 23.12 -47.52
CA LEU B 118 22.27 23.65 -47.82
C LEU B 118 22.37 25.13 -48.14
N ARG B 119 22.03 25.49 -49.37
CA ARG B 119 21.90 26.89 -49.74
C ARG B 119 20.68 27.48 -49.03
N PRO B 120 20.61 28.80 -48.90
CA PRO B 120 19.55 29.42 -48.08
C PRO B 120 18.15 28.98 -48.53
N ASP B 121 17.36 28.55 -47.54
CA ASP B 121 15.95 28.20 -47.74
C ASP B 121 15.77 27.02 -48.69
N ASP B 122 16.74 26.11 -48.70
CA ASP B 122 16.69 24.93 -49.57
C ASP B 122 16.36 23.70 -48.74
N SER B 123 16.24 22.57 -49.44
CA SER B 123 15.88 21.30 -48.83
C SER B 123 16.63 20.17 -49.52
N LYS B 124 17.29 19.33 -48.74
CA LYS B 124 18.01 18.18 -49.27
C LYS B 124 17.60 16.94 -48.48
N ASN B 125 17.44 15.82 -49.18
CA ASN B 125 16.99 14.58 -48.58
C ASN B 125 18.13 13.59 -48.48
N PHE B 126 18.17 12.85 -47.37
CA PHE B 126 19.12 11.78 -47.16
C PHE B 126 18.38 10.58 -46.56
N SER B 127 19.06 9.44 -46.53
CA SER B 127 18.46 8.20 -46.08
C SER B 127 19.29 7.59 -44.95
N ILE B 128 18.61 6.92 -44.03
CA ILE B 128 19.24 6.24 -42.91
C ILE B 128 18.66 4.84 -42.80
N GLN B 129 19.52 3.85 -42.58
CA GLN B 129 19.11 2.48 -42.36
C GLN B 129 19.36 2.12 -40.90
N VAL B 130 18.36 1.55 -40.24
CA VAL B 130 18.44 1.21 -38.84
C VAL B 130 18.10 -0.27 -38.70
N ARG B 131 19.11 -1.11 -38.52
CA ARG B 131 18.91 -2.53 -38.27
C ARG B 131 19.11 -2.82 -36.79
N GLN B 132 18.19 -3.59 -36.21
CA GLN B 132 18.34 -4.06 -34.84
C GLN B 132 18.94 -5.46 -34.90
N VAL B 133 20.25 -5.54 -34.63
CA VAL B 133 20.98 -6.79 -34.84
C VAL B 133 20.59 -7.81 -33.78
N GLU B 134 20.93 -9.07 -34.06
CA GLU B 134 20.65 -10.17 -33.16
C GLU B 134 21.85 -10.44 -32.25
N ASP B 135 21.57 -11.08 -31.11
CA ASP B 135 22.58 -11.40 -30.12
C ASP B 135 23.32 -10.16 -29.63
N TYR B 136 22.65 -9.02 -29.66
CA TYR B 136 23.23 -7.80 -29.12
C TYR B 136 23.19 -7.86 -27.60
N PRO B 137 24.28 -7.46 -26.93
CA PRO B 137 24.31 -7.55 -25.46
C PRO B 137 23.22 -6.72 -24.82
N VAL B 138 22.72 -7.23 -23.68
CA VAL B 138 21.60 -6.61 -22.98
C VAL B 138 22.03 -6.29 -21.56
N ASP B 139 21.61 -5.14 -21.06
CA ASP B 139 21.71 -4.77 -19.65
C ASP B 139 20.31 -4.69 -19.08
N ILE B 140 20.00 -5.57 -18.13
CA ILE B 140 18.68 -5.61 -17.50
C ILE B 140 18.87 -5.19 -16.05
N TYR B 141 18.66 -3.91 -15.76
CA TYR B 141 18.64 -3.42 -14.39
C TYR B 141 17.23 -3.60 -13.85
N TYR B 142 17.07 -4.47 -12.87
CA TYR B 142 15.78 -4.75 -12.26
C TYR B 142 15.55 -3.75 -11.14
N LEU B 143 14.66 -2.79 -11.38
CA LEU B 143 14.35 -1.74 -10.41
C LEU B 143 13.03 -2.11 -9.75
N MET B 144 13.10 -2.61 -8.53
CA MET B 144 11.99 -3.28 -7.88
C MET B 144 11.40 -2.40 -6.78
N ASP B 145 10.09 -2.18 -6.87
CA ASP B 145 9.35 -1.61 -5.74
C ASP B 145 9.48 -2.53 -4.55
N LEU B 146 10.07 -2.05 -3.47
CA LEU B 146 10.20 -2.81 -2.24
C LEU B 146 9.36 -2.20 -1.12
N SER B 147 8.15 -1.76 -1.47
CA SER B 147 7.17 -1.39 -0.47
C SER B 147 6.58 -2.67 0.15
N TYR B 148 5.68 -2.50 1.11
CA TYR B 148 5.25 -3.64 1.90
C TYR B 148 4.37 -4.58 1.09
N SER B 149 3.67 -4.07 0.07
CA SER B 149 2.87 -4.92 -0.79
C SER B 149 3.69 -5.81 -1.69
N MET B 150 5.02 -5.70 -1.66
CA MET B 150 5.90 -6.45 -2.53
C MET B 150 6.72 -7.49 -1.77
N LYS B 151 6.27 -7.88 -0.58
CA LYS B 151 6.96 -8.90 0.19
C LYS B 151 6.72 -10.30 -0.37
N ASP B 152 5.60 -10.48 -1.07
CA ASP B 152 5.37 -11.74 -1.79
C ASP B 152 6.20 -11.81 -3.07
N ASP B 153 6.48 -10.66 -3.69
CA ASP B 153 7.20 -10.65 -4.96
C ASP B 153 8.65 -11.07 -4.77
N LEU B 154 9.23 -10.82 -3.60
CA LEU B 154 10.61 -11.22 -3.35
C LEU B 154 10.77 -12.73 -3.29
N TRP B 155 9.67 -13.47 -3.08
CA TRP B 155 9.72 -14.92 -3.16
C TRP B 155 9.80 -15.38 -4.62
N SER B 156 9.24 -14.61 -5.54
CA SER B 156 9.26 -14.97 -6.95
C SER B 156 10.53 -14.49 -7.65
N ILE B 157 11.13 -13.40 -7.14
CA ILE B 157 12.37 -12.91 -7.72
C ILE B 157 13.60 -13.66 -7.22
N GLN B 158 13.42 -14.58 -6.28
CA GLN B 158 14.57 -15.16 -5.59
C GLN B 158 15.41 -16.04 -6.50
N ASN B 159 14.82 -16.59 -7.55
CA ASN B 159 15.58 -17.33 -8.56
C ASN B 159 15.58 -16.66 -9.91
N LEU B 160 14.92 -15.52 -10.05
CA LEU B 160 15.09 -14.69 -11.24
C LEU B 160 16.56 -14.31 -11.36
N GLY B 161 17.05 -14.30 -12.59
CA GLY B 161 18.45 -14.03 -12.82
C GLY B 161 19.14 -15.24 -13.37
N THR B 162 18.84 -16.41 -12.80
CA THR B 162 19.21 -17.67 -13.42
C THR B 162 18.21 -18.07 -14.48
N LYS B 163 16.92 -17.97 -14.16
CA LYS B 163 15.87 -18.15 -15.17
C LYS B 163 15.95 -17.04 -16.21
N LEU B 164 16.29 -15.82 -15.78
CA LEU B 164 16.45 -14.73 -16.73
C LEU B 164 17.64 -14.96 -17.63
N ALA B 165 18.72 -15.54 -17.11
CA ALA B 165 19.87 -15.87 -17.94
C ALA B 165 19.56 -17.01 -18.90
N THR B 166 18.73 -17.96 -18.49
CA THR B 166 18.37 -19.07 -19.37
C THR B 166 17.45 -18.61 -20.49
N GLN B 167 16.48 -17.75 -20.18
CA GLN B 167 15.55 -17.29 -21.20
C GLN B 167 16.14 -16.21 -22.09
N MET B 168 17.01 -15.36 -21.55
CA MET B 168 17.70 -14.33 -22.33
C MET B 168 18.91 -14.88 -23.06
N ARG B 169 19.17 -16.18 -22.98
CA ARG B 169 20.32 -16.77 -23.66
C ARG B 169 20.04 -16.98 -25.15
N LYS B 170 18.78 -17.10 -25.53
CA LYS B 170 18.41 -17.18 -26.94
C LYS B 170 18.30 -15.81 -27.59
N LEU B 171 18.26 -14.74 -26.80
CA LEU B 171 18.11 -13.39 -27.31
C LEU B 171 19.42 -12.61 -27.31
N THR B 172 20.45 -13.10 -26.62
CA THR B 172 21.72 -12.40 -26.55
C THR B 172 22.77 -13.35 -26.00
N SER B 173 24.03 -13.07 -26.34
CA SER B 173 25.16 -13.85 -25.85
C SER B 173 25.92 -13.16 -24.73
N ASN B 174 25.57 -11.92 -24.40
CA ASN B 174 26.26 -11.15 -23.36
C ASN B 174 25.18 -10.44 -22.54
N LEU B 175 24.73 -11.07 -21.47
CA LEU B 175 23.69 -10.53 -20.61
C LEU B 175 24.28 -10.08 -19.28
N ARG B 176 23.96 -8.85 -18.88
CA ARG B 176 24.30 -8.33 -17.57
C ARG B 176 23.02 -7.87 -16.89
N ILE B 177 22.82 -8.31 -15.64
CA ILE B 177 21.63 -7.96 -14.89
C ILE B 177 22.04 -7.28 -13.59
N GLY B 178 21.23 -6.32 -13.15
CA GLY B 178 21.46 -5.64 -11.91
C GLY B 178 20.16 -5.53 -11.15
N PHE B 179 20.26 -5.07 -9.90
CA PHE B 179 19.09 -4.94 -9.06
C PHE B 179 19.13 -3.61 -8.31
N GLY B 180 17.98 -2.95 -8.27
CA GLY B 180 17.82 -1.76 -7.46
C GLY B 180 16.44 -1.77 -6.83
N ALA B 181 16.32 -1.04 -5.74
CA ALA B 181 15.09 -1.06 -4.96
C ALA B 181 14.69 0.35 -4.59
N PHE B 182 13.39 0.62 -4.59
CA PHE B 182 12.85 1.88 -4.13
C PHE B 182 11.62 1.61 -3.27
N VAL B 183 11.32 2.54 -2.37
CA VAL B 183 9.99 2.58 -1.76
C VAL B 183 9.38 3.95 -2.01
N ASP B 184 9.97 4.99 -1.42
CA ASP B 184 9.44 6.35 -1.50
C ASP B 184 10.38 7.24 -0.69
N LYS B 185 10.25 8.54 -0.88
CA LYS B 185 11.01 9.51 -0.13
C LYS B 185 10.84 9.26 1.38
N PRO B 186 11.91 8.97 2.11
CA PRO B 186 11.80 8.69 3.55
C PRO B 186 11.56 9.96 4.36
N VAL B 187 10.37 10.52 4.20
CA VAL B 187 9.99 11.76 4.88
C VAL B 187 8.47 11.75 5.05
N SER B 188 8.01 12.39 6.12
CA SER B 188 6.59 12.56 6.33
C SER B 188 5.99 13.43 5.22
N PRO B 189 4.74 13.16 4.80
CA PRO B 189 3.80 12.16 5.31
C PRO B 189 3.89 10.81 4.59
N TYR B 190 4.94 10.58 3.82
CA TYR B 190 5.09 9.28 3.18
C TYR B 190 5.62 8.25 4.16
N MET B 191 6.60 8.65 4.98
CA MET B 191 7.22 7.77 5.95
C MET B 191 6.46 7.84 7.27
N TYR B 192 6.25 6.67 7.89
CA TYR B 192 5.74 6.63 9.24
C TYR B 192 6.78 7.17 10.20
N ILE B 193 6.43 8.25 10.90
CA ILE B 193 7.37 9.03 11.69
C ILE B 193 7.19 8.81 13.19
N SER B 194 6.13 8.12 13.59
CA SER B 194 5.87 7.79 14.99
C SER B 194 5.14 6.46 15.04
N PRO B 195 5.31 5.67 16.11
CA PRO B 195 6.16 5.86 17.29
C PRO B 195 7.64 5.82 16.95
N PRO B 196 8.51 6.17 17.91
CA PRO B 196 9.96 6.13 17.64
C PRO B 196 10.45 4.79 17.12
N GLU B 197 9.69 3.73 17.41
CA GLU B 197 10.02 2.40 16.92
C GLU B 197 9.58 2.19 15.48
N ALA B 198 8.72 3.05 14.94
CA ALA B 198 8.26 2.95 13.56
C ALA B 198 9.19 3.66 12.58
N LEU B 199 10.36 4.11 13.04
CA LEU B 199 11.37 4.67 12.13
C LEU B 199 12.39 3.62 11.73
N GLU B 200 12.78 2.75 12.66
CA GLU B 200 13.60 1.60 12.36
C GLU B 200 12.77 0.40 11.94
N ASN B 201 11.44 0.50 12.03
CA ASN B 201 10.54 -0.60 11.69
C ASN B 201 9.20 0.00 11.29
N PRO B 202 9.08 0.44 10.03
CA PRO B 202 7.80 0.98 9.56
C PRO B 202 6.65 -0.01 9.67
N CYS B 203 6.94 -1.32 9.70
CA CYS B 203 5.92 -2.34 9.89
C CYS B 203 5.57 -2.55 11.34
N TYR B 204 5.86 -1.55 12.19
CA TYR B 204 5.58 -1.67 13.61
C TYR B 204 4.08 -1.79 13.87
N ASP B 205 3.27 -1.06 13.13
CA ASP B 205 1.82 -1.12 13.32
C ASP B 205 1.18 -2.28 12.59
N MET B 206 1.88 -2.89 11.63
CA MET B 206 1.47 -4.16 11.07
C MET B 206 1.87 -5.33 11.96
N LYS B 207 2.63 -5.07 13.02
CA LYS B 207 3.12 -6.08 13.94
C LYS B 207 4.08 -7.04 13.25
N THR B 208 4.84 -6.53 12.28
CA THR B 208 5.90 -7.28 11.64
C THR B 208 7.16 -6.41 11.66
N THR B 209 8.21 -6.82 10.94
CA THR B 209 9.45 -6.05 10.90
C THR B 209 9.89 -5.89 9.46
N CYS B 210 10.04 -4.65 9.02
CA CYS B 210 10.65 -4.36 7.73
C CYS B 210 11.82 -3.41 7.93
N LEU B 211 12.44 -3.02 6.83
CA LEU B 211 13.58 -2.12 6.86
C LEU B 211 13.11 -0.69 7.07
N PRO B 212 13.97 0.17 7.63
CA PRO B 212 13.66 1.61 7.61
C PRO B 212 13.44 2.09 6.20
N MET B 213 12.54 3.06 6.05
CA MET B 213 12.11 3.47 4.73
C MET B 213 13.25 4.12 3.97
N PHE B 214 13.44 3.67 2.73
CA PHE B 214 14.44 4.24 1.83
C PHE B 214 13.75 4.76 0.58
N GLY B 215 14.42 5.65 -0.13
CA GLY B 215 13.86 6.21 -1.34
C GLY B 215 14.33 5.45 -2.56
N TYR B 216 15.62 5.17 -2.61
CA TYR B 216 16.19 4.35 -3.66
C TYR B 216 17.54 3.85 -3.18
N LYS B 217 17.76 2.55 -3.24
CA LYS B 217 19.06 1.96 -2.93
C LYS B 217 19.49 1.11 -4.10
N HIS B 218 20.69 1.39 -4.61
CA HIS B 218 21.30 0.53 -5.61
C HIS B 218 21.83 -0.71 -4.92
N VAL B 219 21.49 -1.88 -5.44
CA VAL B 219 21.80 -3.15 -4.79
C VAL B 219 22.88 -3.90 -5.55
N LEU B 220 22.71 -4.06 -6.86
CA LEU B 220 23.64 -4.86 -7.65
C LEU B 220 23.99 -4.12 -8.92
N THR B 221 25.27 -3.82 -9.09
CA THR B 221 25.75 -3.27 -10.36
C THR B 221 25.57 -4.31 -11.46
N LEU B 222 25.22 -3.84 -12.66
CA LEU B 222 24.98 -4.73 -13.79
C LEU B 222 26.16 -5.67 -14.00
N THR B 223 25.93 -6.96 -13.78
CA THR B 223 26.99 -7.97 -13.84
C THR B 223 26.51 -9.16 -14.64
N ASP B 224 27.44 -9.83 -15.31
CA ASP B 224 27.13 -11.05 -16.04
C ASP B 224 27.14 -12.28 -15.15
N GLN B 225 27.55 -12.14 -13.89
CA GLN B 225 27.51 -13.23 -12.92
C GLN B 225 26.10 -13.26 -12.35
N VAL B 226 25.20 -13.94 -13.06
CA VAL B 226 23.77 -13.85 -12.77
C VAL B 226 23.38 -14.49 -11.44
N THR B 227 24.26 -15.28 -10.82
CA THR B 227 23.96 -15.79 -9.50
C THR B 227 24.07 -14.71 -8.43
N ARG B 228 24.79 -13.63 -8.73
CA ARG B 228 24.82 -12.48 -7.84
C ARG B 228 23.45 -11.86 -7.69
N PHE B 229 22.64 -11.88 -8.76
CA PHE B 229 21.29 -11.36 -8.67
C PHE B 229 20.47 -12.16 -7.64
N ASN B 230 20.57 -13.48 -7.69
CA ASN B 230 19.87 -14.31 -6.71
C ASN B 230 20.39 -14.05 -5.31
N GLU B 231 21.72 -14.02 -5.15
CA GLU B 231 22.31 -13.76 -3.84
C GLU B 231 21.83 -12.43 -3.27
N GLU B 232 21.67 -11.42 -4.12
CA GLU B 232 21.31 -10.09 -3.63
C GLU B 232 19.81 -9.96 -3.39
N VAL B 233 18.98 -10.64 -4.17
CA VAL B 233 17.54 -10.53 -3.93
C VAL B 233 17.09 -11.43 -2.79
N LYS B 234 17.87 -12.47 -2.45
CA LYS B 234 17.51 -13.27 -1.30
C LYS B 234 17.73 -12.51 0.01
N LYS B 235 18.62 -11.53 0.01
CA LYS B 235 18.86 -10.72 1.18
C LYS B 235 18.16 -9.37 1.12
N GLN B 236 17.22 -9.18 0.20
CA GLN B 236 16.42 -7.97 0.14
C GLN B 236 15.18 -8.13 1.01
N SER B 237 14.81 -7.04 1.68
CA SER B 237 13.57 -6.97 2.43
C SER B 237 12.82 -5.72 2.01
N VAL B 238 11.52 -5.74 2.26
CA VAL B 238 10.66 -4.62 1.90
C VAL B 238 10.67 -3.60 3.03
N SER B 239 10.16 -2.41 2.72
CA SER B 239 9.84 -1.40 3.72
C SER B 239 8.36 -1.08 3.62
N ARG B 240 7.92 -0.07 4.34
CA ARG B 240 6.51 0.29 4.35
C ARG B 240 6.38 1.80 4.46
N ASN B 241 5.54 2.38 3.62
CA ASN B 241 5.24 3.80 3.64
C ASN B 241 3.74 3.98 3.84
N ARG B 242 3.30 5.23 3.85
CA ARG B 242 1.94 5.54 4.23
C ARG B 242 1.00 5.64 3.04
N ASP B 243 1.39 6.37 1.99
CA ASP B 243 0.51 6.58 0.85
C ASP B 243 0.82 5.61 -0.26
N ALA B 244 -0.10 5.54 -1.22
CA ALA B 244 -0.03 4.55 -2.29
C ALA B 244 1.00 4.89 -3.35
N PRO B 245 1.11 6.14 -3.82
CA PRO B 245 2.16 6.45 -4.81
C PRO B 245 3.54 6.21 -4.21
N GLU B 246 4.45 5.74 -5.06
CA GLU B 246 5.79 5.41 -4.61
C GLU B 246 6.79 6.38 -5.20
N GLY B 247 8.04 6.20 -4.81
CA GLY B 247 9.11 7.07 -5.29
C GLY B 247 9.85 6.39 -6.42
N GLY B 248 9.09 5.76 -7.30
CA GLY B 248 9.66 4.96 -8.37
C GLY B 248 10.33 5.76 -9.46
N PHE B 249 9.78 6.93 -9.79
CA PHE B 249 10.42 7.76 -10.82
C PHE B 249 11.69 8.40 -10.31
N ASP B 250 11.77 8.68 -9.01
CA ASP B 250 13.05 9.05 -8.40
C ASP B 250 14.10 7.97 -8.62
N ALA B 251 13.70 6.71 -8.39
CA ALA B 251 14.60 5.59 -8.60
C ALA B 251 14.94 5.40 -10.07
N ILE B 252 14.00 5.67 -10.97
CA ILE B 252 14.29 5.56 -12.40
C ILE B 252 15.31 6.62 -12.80
N MET B 253 15.11 7.86 -12.34
CA MET B 253 16.07 8.92 -12.60
C MET B 253 17.45 8.55 -12.09
N GLN B 254 17.53 7.99 -10.89
CA GLN B 254 18.84 7.69 -10.31
C GLN B 254 19.49 6.49 -10.99
N ALA B 255 18.71 5.49 -11.38
CA ALA B 255 19.24 4.36 -12.12
C ALA B 255 19.63 4.75 -13.54
N THR B 256 19.08 5.84 -14.05
CA THR B 256 19.41 6.30 -15.40
C THR B 256 20.65 7.17 -15.41
N VAL B 257 20.72 8.16 -14.52
CA VAL B 257 21.81 9.13 -14.56
C VAL B 257 23.07 8.66 -13.84
N CYS B 258 22.94 7.73 -12.89
CA CYS B 258 24.12 7.14 -12.25
C CYS B 258 24.57 5.96 -13.08
N ASP B 259 24.98 6.24 -14.31
CA ASP B 259 25.26 5.18 -15.27
C ASP B 259 26.54 4.43 -14.92
N GLU B 260 27.51 5.11 -14.31
CA GLU B 260 28.73 4.44 -13.90
C GLU B 260 28.51 3.65 -12.60
N LYS B 261 27.57 4.08 -11.77
CA LYS B 261 27.24 3.35 -10.56
C LYS B 261 26.31 2.17 -10.85
N ILE B 262 25.42 2.32 -11.84
CA ILE B 262 24.53 1.24 -12.20
C ILE B 262 25.24 0.19 -13.03
N GLY B 263 26.06 0.62 -13.99
CA GLY B 263 26.86 -0.30 -14.76
C GLY B 263 26.40 -0.44 -16.19
N TRP B 264 25.72 0.58 -16.71
CA TRP B 264 25.22 0.53 -18.08
C TRP B 264 26.37 0.50 -19.06
N ARG B 265 26.42 -0.56 -19.87
CA ARG B 265 27.41 -0.62 -20.94
C ARG B 265 27.00 0.31 -22.08
N ASN B 266 28.01 0.76 -22.83
CA ASN B 266 27.72 1.64 -23.96
C ASN B 266 27.13 0.85 -25.12
N ASP B 267 27.78 -0.25 -25.51
CA ASP B 267 27.32 -1.07 -26.62
C ASP B 267 26.50 -2.22 -26.06
N ALA B 268 25.28 -1.89 -25.66
CA ALA B 268 24.37 -2.87 -25.08
C ALA B 268 22.96 -2.28 -25.05
N SER B 269 21.97 -3.16 -25.05
CA SER B 269 20.60 -2.76 -24.83
C SER B 269 20.39 -2.51 -23.33
N HIS B 270 19.76 -1.40 -23.00
CA HIS B 270 19.58 -0.97 -21.62
C HIS B 270 18.12 -1.16 -21.23
N LEU B 271 17.79 -2.34 -20.72
CA LEU B 271 16.44 -2.62 -20.23
C LEU B 271 16.38 -2.24 -18.76
N LEU B 272 15.62 -1.21 -18.44
CA LEU B 272 15.34 -0.83 -17.07
C LEU B 272 13.97 -1.39 -16.73
N VAL B 273 13.94 -2.52 -16.03
CA VAL B 273 12.70 -3.18 -15.68
C VAL B 273 12.19 -2.55 -14.39
N PHE B 274 11.16 -1.72 -14.52
CA PHE B 274 10.58 -0.99 -13.41
C PHE B 274 9.34 -1.74 -12.96
N THR B 275 9.45 -2.48 -11.86
CA THR B 275 8.33 -3.21 -11.31
C THR B 275 7.71 -2.45 -10.16
N THR B 276 6.39 -2.40 -10.13
CA THR B 276 5.65 -1.72 -9.08
C THR B 276 4.22 -2.21 -9.13
N ASP B 277 3.49 -1.97 -8.03
CA ASP B 277 2.07 -2.31 -7.99
C ASP B 277 1.21 -1.13 -7.57
N ALA B 278 1.73 0.09 -7.71
CA ALA B 278 1.07 1.27 -7.18
C ALA B 278 1.29 2.43 -8.14
N LYS B 279 0.52 3.49 -7.93
CA LYS B 279 0.77 4.74 -8.61
C LYS B 279 2.16 5.26 -8.27
N THR B 280 2.59 6.28 -9.00
CA THR B 280 3.91 6.84 -8.80
C THR B 280 3.79 8.32 -8.49
N HIS B 281 4.77 8.82 -7.74
CA HIS B 281 4.87 10.24 -7.47
C HIS B 281 5.57 10.94 -8.63
N ILE B 282 5.14 12.16 -8.92
CA ILE B 282 5.71 12.94 -10.00
C ILE B 282 6.20 14.24 -9.41
N ALA B 283 6.77 15.11 -10.24
CA ALA B 283 7.24 16.40 -9.75
C ALA B 283 6.10 17.17 -9.10
N LEU B 284 6.46 18.03 -8.14
CA LEU B 284 5.54 18.88 -7.40
C LEU B 284 4.72 18.10 -6.38
N ASP B 285 4.86 16.77 -6.37
CA ASP B 285 4.25 15.97 -5.31
C ASP B 285 5.04 16.06 -4.01
N GLY B 286 6.36 16.28 -4.10
CA GLY B 286 7.19 16.40 -2.93
C GLY B 286 6.87 17.60 -2.07
N ARG B 287 6.07 18.54 -2.58
CA ARG B 287 5.66 19.69 -1.78
C ARG B 287 4.78 19.28 -0.61
N LEU B 288 4.08 18.15 -0.71
CA LEU B 288 3.36 17.62 0.45
C LEU B 288 4.30 17.22 1.58
N ALA B 289 5.59 17.10 1.30
CA ALA B 289 6.58 16.80 2.34
C ALA B 289 7.43 18.02 2.70
N GLY B 290 7.20 19.16 2.06
CA GLY B 290 8.03 20.32 2.23
C GLY B 290 9.13 20.45 1.21
N ILE B 291 9.17 19.55 0.23
CA ILE B 291 10.27 19.47 -0.72
C ILE B 291 9.83 20.21 -1.98
N VAL B 292 10.36 21.42 -2.19
CA VAL B 292 10.00 22.21 -3.36
C VAL B 292 11.13 22.33 -4.36
N GLN B 293 12.34 21.93 -4.00
CA GLN B 293 13.47 22.06 -4.91
C GLN B 293 13.32 21.05 -6.05
N PRO B 294 13.26 21.49 -7.30
CA PRO B 294 13.02 20.55 -8.40
C PRO B 294 14.18 19.57 -8.58
N ASN B 295 13.84 18.44 -9.19
CA ASN B 295 14.83 17.42 -9.50
C ASN B 295 15.78 17.94 -10.58
N ASP B 296 17.07 17.95 -10.29
CA ASP B 296 18.05 18.43 -11.26
C ASP B 296 18.53 17.36 -12.21
N GLY B 297 18.15 16.10 -11.99
CA GLY B 297 18.56 15.03 -12.87
C GLY B 297 20.00 14.60 -12.74
N GLN B 298 20.67 14.97 -11.65
CA GLN B 298 22.05 14.59 -11.43
C GLN B 298 22.11 13.31 -10.62
N CYS B 299 23.28 12.67 -10.67
CA CYS B 299 23.49 11.47 -9.87
C CYS B 299 23.68 11.84 -8.41
N HIS B 300 22.90 11.20 -7.53
CA HIS B 300 22.99 11.44 -6.10
C HIS B 300 23.09 10.14 -5.32
N VAL B 301 23.37 9.03 -5.99
CA VAL B 301 23.66 7.77 -5.33
C VAL B 301 25.15 7.73 -5.04
N GLY B 302 25.50 7.69 -3.77
CA GLY B 302 26.88 7.73 -3.32
C GLY B 302 27.46 6.35 -3.10
N SER B 303 28.48 6.28 -2.24
CA SER B 303 29.11 5.01 -1.95
C SER B 303 28.23 4.12 -1.08
N ASP B 304 27.36 4.73 -0.26
CA ASP B 304 26.39 3.95 0.50
C ASP B 304 25.33 3.30 -0.38
N ASN B 305 25.33 3.61 -1.68
CA ASN B 305 24.41 3.06 -2.67
C ASN B 305 22.97 3.50 -2.44
N HIS B 306 22.76 4.59 -1.70
CA HIS B 306 21.44 5.14 -1.47
C HIS B 306 21.32 6.50 -2.13
N TYR B 307 20.10 6.80 -2.59
CA TYR B 307 19.79 8.11 -3.14
C TYR B 307 19.89 9.15 -2.02
N SER B 308 20.85 10.06 -2.13
CA SER B 308 21.11 11.04 -1.09
C SER B 308 20.12 12.20 -1.09
N ALA B 309 19.61 12.59 -2.24
CA ALA B 309 18.72 13.74 -2.35
C ALA B 309 17.25 13.35 -2.29
N SER B 310 16.93 12.20 -1.71
CA SER B 310 15.55 11.74 -1.66
C SER B 310 14.70 12.68 -0.81
N THR B 311 15.24 13.18 0.30
CA THR B 311 14.49 13.99 1.24
C THR B 311 14.67 15.49 1.02
N THR B 312 15.53 15.90 0.10
CA THR B 312 15.79 17.31 -0.14
C THR B 312 15.47 17.75 -1.56
N MET B 313 15.20 16.82 -2.47
CA MET B 313 14.96 17.14 -3.86
C MET B 313 13.64 16.50 -4.30
N ASP B 314 12.88 17.23 -5.10
CA ASP B 314 11.55 16.79 -5.49
C ASP B 314 11.63 15.57 -6.41
N TYR B 315 10.48 15.02 -6.73
CA TYR B 315 10.40 13.96 -7.71
C TYR B 315 10.65 14.53 -9.11
N PRO B 316 11.11 13.71 -10.05
CA PRO B 316 11.24 14.19 -11.42
C PRO B 316 9.90 14.22 -12.14
N SER B 317 9.84 15.02 -13.18
CA SER B 317 8.68 15.03 -14.05
C SER B 317 8.87 14.03 -15.17
N LEU B 318 7.81 13.80 -15.94
CA LEU B 318 7.94 12.97 -17.13
C LEU B 318 8.90 13.58 -18.13
N GLY B 319 8.99 14.90 -18.17
CA GLY B 319 9.91 15.53 -19.10
C GLY B 319 11.37 15.25 -18.77
N LEU B 320 11.76 15.48 -17.52
CA LEU B 320 13.14 15.26 -17.13
C LEU B 320 13.51 13.78 -17.17
N MET B 321 12.62 12.92 -16.68
CA MET B 321 12.88 11.49 -16.70
C MET B 321 12.97 10.97 -18.13
N THR B 322 12.11 11.47 -19.02
CA THR B 322 12.18 11.07 -20.42
C THR B 322 13.45 11.57 -21.08
N GLU B 323 13.86 12.81 -20.77
CA GLU B 323 15.11 13.33 -21.31
C GLU B 323 16.30 12.48 -20.88
N LYS B 324 16.32 12.06 -19.62
CA LYS B 324 17.44 11.25 -19.13
C LYS B 324 17.39 9.84 -19.69
N LEU B 325 16.20 9.27 -19.87
CA LEU B 325 16.08 7.96 -20.49
C LEU B 325 16.53 8.01 -21.94
N SER B 326 16.29 9.14 -22.61
CA SER B 326 16.72 9.28 -24.00
C SER B 326 18.22 9.51 -24.10
N GLN B 327 18.79 10.29 -23.17
CA GLN B 327 20.22 10.57 -23.21
C GLN B 327 21.03 9.32 -22.92
N LYS B 328 20.54 8.43 -22.07
CA LYS B 328 21.27 7.24 -21.67
C LYS B 328 20.86 6.01 -22.46
N ASN B 329 19.94 6.14 -23.41
CA ASN B 329 19.57 5.07 -24.34
C ASN B 329 18.96 3.89 -23.60
N ILE B 330 18.08 4.18 -22.64
CA ILE B 330 17.53 3.18 -21.73
C ILE B 330 16.10 2.89 -22.15
N ASN B 331 15.80 1.61 -22.32
CA ASN B 331 14.44 1.17 -22.64
C ASN B 331 13.76 0.81 -21.33
N LEU B 332 12.92 1.71 -20.83
CA LEU B 332 12.23 1.47 -19.58
C LEU B 332 11.08 0.49 -19.81
N ILE B 333 10.96 -0.47 -18.89
CA ILE B 333 9.90 -1.48 -18.95
C ILE B 333 9.06 -1.31 -17.70
N PHE B 334 7.79 -0.95 -17.87
CA PHE B 334 6.85 -0.91 -16.76
C PHE B 334 6.28 -2.31 -16.58
N ALA B 335 6.79 -3.02 -15.58
CA ALA B 335 6.23 -4.31 -15.18
C ALA B 335 5.30 -4.02 -14.00
N VAL B 336 4.05 -3.71 -14.30
CA VAL B 336 3.13 -3.18 -13.32
C VAL B 336 1.90 -4.07 -13.23
N THR B 337 1.31 -4.13 -12.04
CA THR B 337 0.14 -4.95 -11.81
C THR B 337 -1.08 -4.36 -12.52
N GLU B 338 -2.11 -5.18 -12.67
CA GLU B 338 -3.26 -4.81 -13.49
C GLU B 338 -3.99 -3.57 -12.98
N ASN B 339 -3.84 -3.24 -11.69
CA ASN B 339 -4.53 -2.08 -11.14
C ASN B 339 -3.92 -0.76 -11.60
N VAL B 340 -2.71 -0.78 -12.17
CA VAL B 340 -2.06 0.44 -12.63
C VAL B 340 -1.55 0.27 -14.06
N VAL B 341 -1.99 -0.80 -14.72
CA VAL B 341 -1.56 -1.04 -16.09
C VAL B 341 -2.00 0.08 -17.01
N ASN B 342 -3.22 0.59 -16.83
CA ASN B 342 -3.70 1.67 -17.67
C ASN B 342 -2.96 2.97 -17.39
N LEU B 343 -2.67 3.25 -16.11
CA LEU B 343 -1.90 4.43 -15.77
C LEU B 343 -0.52 4.40 -16.41
N TYR B 344 0.16 3.25 -16.31
CA TYR B 344 1.51 3.18 -16.86
C TYR B 344 1.51 3.03 -18.37
N GLN B 345 0.41 2.58 -18.98
CA GLN B 345 0.30 2.65 -20.43
C GLN B 345 0.11 4.09 -20.89
N ASN B 346 -0.71 4.86 -20.18
CA ASN B 346 -0.85 6.28 -20.50
C ASN B 346 0.45 7.04 -20.25
N TYR B 347 1.29 6.55 -19.33
CA TYR B 347 2.62 7.13 -19.16
C TYR B 347 3.55 6.74 -20.29
N SER B 348 3.61 5.45 -20.62
CA SER B 348 4.44 4.94 -21.70
C SER B 348 4.09 5.55 -23.05
N GLU B 349 2.85 6.01 -23.22
CA GLU B 349 2.52 6.77 -24.41
C GLU B 349 3.29 8.07 -24.48
N LEU B 350 3.63 8.65 -23.33
CA LEU B 350 4.35 9.92 -23.26
C LEU B 350 5.86 9.74 -23.13
N ILE B 351 6.35 8.51 -22.99
CA ILE B 351 7.78 8.24 -22.84
C ILE B 351 8.19 7.30 -23.97
N PRO B 352 9.00 7.75 -24.93
CA PRO B 352 9.43 6.85 -26.02
C PRO B 352 10.41 5.80 -25.53
N GLY B 353 10.33 4.63 -26.13
CA GLY B 353 11.19 3.52 -25.76
C GLY B 353 10.66 2.66 -24.64
N THR B 354 9.47 2.95 -24.13
CA THR B 354 8.91 2.26 -22.96
C THR B 354 7.79 1.33 -23.39
N THR B 355 7.77 0.15 -22.77
CA THR B 355 6.66 -0.79 -22.89
C THR B 355 6.09 -1.09 -21.51
N VAL B 356 4.85 -1.56 -21.49
CA VAL B 356 4.15 -1.88 -20.25
C VAL B 356 3.76 -3.34 -20.30
N GLY B 357 4.21 -4.11 -19.32
CA GLY B 357 3.80 -5.49 -19.15
C GLY B 357 2.97 -5.62 -17.89
N VAL B 358 2.06 -6.58 -17.88
CA VAL B 358 1.17 -6.78 -16.76
C VAL B 358 1.84 -7.72 -15.76
N LEU B 359 2.16 -7.20 -14.59
CA LEU B 359 2.81 -7.97 -13.55
C LEU B 359 1.74 -8.64 -12.69
N SER B 360 2.05 -9.84 -12.20
CA SER B 360 1.14 -10.48 -11.28
C SER B 360 1.32 -9.89 -9.88
N MET B 361 0.34 -10.17 -9.01
CA MET B 361 0.39 -9.64 -7.67
C MET B 361 1.56 -10.17 -6.85
N ASP B 362 2.30 -11.15 -7.37
CA ASP B 362 3.48 -11.67 -6.69
C ASP B 362 4.70 -11.70 -7.59
N SER B 363 4.68 -10.95 -8.71
CA SER B 363 5.79 -10.89 -9.66
C SER B 363 6.19 -12.27 -10.17
N SER B 364 5.22 -13.18 -10.29
CA SER B 364 5.54 -14.54 -10.69
C SER B 364 5.74 -14.68 -12.19
N ASN B 365 5.23 -13.74 -12.98
CA ASN B 365 5.38 -13.75 -14.44
C ASN B 365 6.40 -12.72 -14.92
N VAL B 366 7.35 -12.34 -14.08
CA VAL B 366 8.24 -11.24 -14.43
C VAL B 366 9.31 -11.69 -15.42
N LEU B 367 9.68 -12.96 -15.43
CA LEU B 367 10.65 -13.44 -16.40
C LEU B 367 10.08 -13.38 -17.82
N GLN B 368 8.89 -13.95 -18.00
CA GLN B 368 8.24 -13.88 -19.30
C GLN B 368 7.84 -12.45 -19.64
N LEU B 369 7.55 -11.63 -18.63
CA LEU B 369 7.27 -10.23 -18.88
C LEU B 369 8.49 -9.52 -19.45
N ILE B 370 9.67 -9.77 -18.87
CA ILE B 370 10.90 -9.15 -19.36
C ILE B 370 11.22 -9.65 -20.77
N VAL B 371 11.05 -10.95 -21.01
CA VAL B 371 11.35 -11.49 -22.34
C VAL B 371 10.40 -10.90 -23.38
N ASP B 372 9.10 -10.85 -23.06
CA ASP B 372 8.12 -10.29 -23.98
C ASP B 372 8.36 -8.82 -24.22
N ALA B 373 8.74 -8.07 -23.19
CA ALA B 373 9.00 -6.65 -23.36
C ALA B 373 10.30 -6.36 -24.07
N TYR B 374 11.27 -7.26 -24.01
CA TYR B 374 12.47 -7.11 -24.82
C TYR B 374 12.16 -7.41 -26.29
N GLY B 375 11.35 -8.43 -26.55
CA GLY B 375 10.93 -8.69 -27.91
C GLY B 375 10.01 -7.62 -28.47
N LYS B 376 9.27 -6.93 -27.59
CA LYS B 376 8.35 -5.88 -28.00
C LYS B 376 9.03 -4.53 -28.16
N ILE B 377 10.08 -4.27 -27.36
CA ILE B 377 10.87 -3.06 -27.54
C ILE B 377 11.67 -3.14 -28.83
N ARG B 378 12.23 -4.30 -29.12
CA ARG B 378 12.95 -4.53 -30.37
C ARG B 378 12.02 -4.80 -31.55
N SER B 379 10.71 -4.71 -31.35
CA SER B 379 9.74 -4.80 -32.43
C SER B 379 9.31 -3.43 -32.93
N LYS B 380 10.15 -2.42 -32.75
CA LYS B 380 9.79 -1.05 -33.10
C LYS B 380 11.05 -0.23 -33.19
N VAL B 381 11.30 0.38 -34.34
CA VAL B 381 12.41 1.31 -34.53
C VAL B 381 11.83 2.71 -34.59
N GLU B 382 12.08 3.51 -33.56
CA GLU B 382 11.63 4.89 -33.51
C GLU B 382 12.84 5.80 -33.54
N LEU B 383 12.84 6.75 -34.48
CA LEU B 383 13.93 7.70 -34.59
C LEU B 383 13.72 8.88 -33.66
N GLU B 384 14.82 9.50 -33.26
CA GLU B 384 14.79 10.70 -32.45
C GLU B 384 15.90 11.65 -32.91
N VAL B 385 15.60 12.94 -32.90
CA VAL B 385 16.53 13.96 -33.36
C VAL B 385 17.08 14.69 -32.14
N ARG B 386 18.40 14.77 -32.05
CA ARG B 386 19.08 15.42 -30.94
C ARG B 386 19.73 16.71 -31.41
N ASP B 387 19.44 17.81 -30.71
CA ASP B 387 20.10 19.10 -30.94
C ASP B 387 19.87 19.59 -32.37
N LEU B 388 18.64 19.47 -32.85
CA LEU B 388 18.31 19.97 -34.16
C LEU B 388 18.30 21.49 -34.14
N PRO B 389 19.02 22.16 -35.04
CA PRO B 389 18.96 23.62 -35.10
C PRO B 389 17.55 24.12 -35.35
N GLU B 390 17.28 25.33 -34.86
CA GLU B 390 15.93 25.88 -34.98
C GLU B 390 15.59 26.20 -36.44
N GLU B 391 16.58 26.66 -37.21
CA GLU B 391 16.36 26.99 -38.61
C GLU B 391 16.13 25.76 -39.49
N LEU B 392 16.33 24.57 -38.95
CA LEU B 392 16.25 23.34 -39.73
C LEU B 392 15.03 22.54 -39.30
N SER B 393 14.31 22.01 -40.29
CA SER B 393 13.17 21.13 -40.06
C SER B 393 13.43 19.79 -40.74
N LEU B 394 12.78 18.75 -40.24
CA LEU B 394 12.97 17.40 -40.75
C LEU B 394 11.62 16.76 -41.07
N SER B 395 11.60 15.96 -42.12
CA SER B 395 10.44 15.18 -42.51
C SER B 395 10.90 13.77 -42.84
N PHE B 396 10.18 12.77 -42.36
CA PHE B 396 10.60 11.38 -42.45
C PHE B 396 9.59 10.58 -43.25
N ASN B 397 10.08 9.59 -44.00
CA ASN B 397 9.25 8.66 -44.75
C ASN B 397 9.73 7.27 -44.38
N ALA B 398 9.15 6.70 -43.33
CA ALA B 398 9.61 5.43 -42.79
C ALA B 398 9.38 4.32 -43.80
N THR B 399 10.47 3.76 -44.33
CA THR B 399 10.39 2.61 -45.21
C THR B 399 10.51 1.36 -44.35
N CYS B 400 9.38 0.95 -43.79
CA CYS B 400 9.28 -0.24 -42.95
C CYS B 400 9.26 -1.46 -43.86
N LEU B 401 8.61 -2.53 -43.39
CA LEU B 401 8.42 -3.84 -44.12
C LEU B 401 8.16 -3.67 -45.61
N ASN B 402 8.74 -4.56 -46.41
CA ASN B 402 9.13 -4.30 -47.79
C ASN B 402 8.38 -3.17 -48.51
N ASN B 403 7.05 -3.17 -48.45
CA ASN B 403 6.27 -2.23 -49.26
C ASN B 403 5.57 -1.18 -48.39
N GLU B 404 5.98 -1.04 -47.14
CA GLU B 404 5.32 -0.12 -46.22
C GLU B 404 6.11 1.19 -46.12
N VAL B 405 6.10 1.95 -47.22
CA VAL B 405 6.62 3.31 -47.21
C VAL B 405 5.56 4.18 -46.56
N ILE B 406 5.80 4.57 -45.31
CA ILE B 406 4.80 5.30 -44.52
C ILE B 406 5.26 6.75 -44.36
N PRO B 407 4.73 7.69 -45.14
CA PRO B 407 5.16 9.08 -45.03
C PRO B 407 4.88 9.65 -43.65
N GLY B 408 5.64 10.68 -43.29
CA GLY B 408 5.47 11.38 -42.04
C GLY B 408 5.84 10.61 -40.79
N LEU B 409 6.22 9.34 -40.92
CA LEU B 409 6.54 8.50 -39.78
C LEU B 409 8.04 8.42 -39.59
N LYS B 410 8.49 8.66 -38.36
CA LYS B 410 9.85 8.36 -37.94
C LYS B 410 9.89 7.11 -37.08
N SER B 411 8.98 6.17 -37.34
CA SER B 411 8.88 4.94 -36.57
C SER B 411 8.50 3.80 -37.50
N CYS B 412 8.76 2.59 -37.03
CA CYS B 412 8.38 1.37 -37.76
C CYS B 412 8.03 0.30 -36.74
N MET B 413 6.75 0.12 -36.46
CA MET B 413 6.31 -0.90 -35.53
C MET B 413 6.20 -2.25 -36.22
N GLY B 414 5.99 -3.30 -35.43
CA GLY B 414 5.79 -4.62 -35.98
C GLY B 414 7.03 -5.27 -36.54
N LEU B 415 8.19 -5.01 -35.95
CA LEU B 415 9.45 -5.54 -36.43
C LEU B 415 9.87 -6.76 -35.61
N LYS B 416 11.04 -7.28 -35.93
CA LYS B 416 11.71 -8.31 -35.15
C LYS B 416 13.21 -8.05 -35.19
N ILE B 417 13.95 -8.73 -34.31
CA ILE B 417 15.39 -8.56 -34.26
C ILE B 417 15.99 -9.08 -35.56
N GLY B 418 16.67 -8.21 -36.29
CA GLY B 418 17.25 -8.52 -37.58
C GLY B 418 16.66 -7.75 -38.73
N ASP B 419 15.48 -7.16 -38.55
CA ASP B 419 14.86 -6.39 -39.63
C ASP B 419 15.54 -5.04 -39.76
N THR B 420 15.88 -4.67 -40.99
CA THR B 420 16.54 -3.42 -41.30
C THR B 420 15.54 -2.49 -41.96
N VAL B 421 15.15 -1.44 -41.26
CA VAL B 421 14.21 -0.46 -41.79
C VAL B 421 14.99 0.74 -42.31
N SER B 422 14.32 1.56 -43.11
CA SER B 422 14.91 2.75 -43.69
C SER B 422 14.03 3.95 -43.41
N PHE B 423 14.64 5.13 -43.41
CA PHE B 423 13.92 6.38 -43.22
C PHE B 423 14.49 7.39 -44.19
N SER B 424 13.66 7.89 -45.11
CA SER B 424 14.07 8.93 -46.03
C SER B 424 13.83 10.28 -45.35
N ILE B 425 14.91 10.90 -44.86
CA ILE B 425 14.83 12.14 -44.12
C ILE B 425 15.09 13.30 -45.07
N GLU B 426 14.45 14.43 -44.82
CA GLU B 426 14.58 15.62 -45.65
C GLU B 426 14.74 16.82 -44.73
N ALA B 427 15.87 17.52 -44.86
CA ALA B 427 16.18 18.67 -44.01
C ALA B 427 15.91 19.94 -44.80
N LYS B 428 15.05 20.81 -44.26
CA LYS B 428 14.72 22.08 -44.88
C LYS B 428 15.21 23.22 -44.00
N VAL B 429 15.76 24.25 -44.62
CA VAL B 429 16.24 25.42 -43.90
C VAL B 429 15.16 26.49 -43.94
N ARG B 430 15.21 27.39 -42.96
CA ARG B 430 14.35 28.56 -42.91
C ARG B 430 15.27 29.78 -42.93
N GLY B 431 15.70 30.17 -44.12
CA GLY B 431 16.65 31.25 -44.28
C GLY B 431 18.08 30.76 -44.36
N CYS B 432 18.99 31.58 -43.85
CA CYS B 432 20.41 31.25 -43.76
C CYS B 432 20.94 31.83 -42.46
N PRO B 433 21.04 31.02 -41.41
CA PRO B 433 21.42 31.55 -40.09
C PRO B 433 22.83 32.09 -40.07
N GLN B 434 23.17 32.72 -38.95
CA GLN B 434 24.50 33.31 -38.79
C GLN B 434 25.58 32.25 -38.77
N GLU B 435 25.35 31.15 -38.05
CA GLU B 435 26.32 30.06 -37.99
C GLU B 435 26.40 29.38 -39.35
N LYS B 436 27.57 29.41 -39.97
CA LYS B 436 27.78 28.80 -41.27
C LYS B 436 27.99 27.30 -41.20
N GLU B 437 27.92 26.70 -40.00
CA GLU B 437 28.06 25.27 -39.84
C GLU B 437 27.52 24.86 -38.48
N LYS B 438 26.53 23.98 -38.48
CA LYS B 438 25.96 23.42 -37.26
C LYS B 438 26.01 21.90 -37.37
N SER B 439 25.38 21.21 -36.41
CA SER B 439 25.43 19.76 -36.39
C SER B 439 24.32 19.23 -35.48
N PHE B 440 23.62 18.21 -35.96
CA PHE B 440 22.63 17.49 -35.17
C PHE B 440 22.78 16.00 -35.43
N THR B 441 22.16 15.20 -34.57
CA THR B 441 22.26 13.76 -34.65
C THR B 441 20.87 13.14 -34.75
N ILE B 442 20.76 12.08 -35.55
CA ILE B 442 19.52 11.34 -35.72
C ILE B 442 19.80 9.89 -35.34
N LYS B 443 19.17 9.44 -34.26
CA LYS B 443 19.41 8.10 -33.75
C LYS B 443 18.09 7.41 -33.43
N PRO B 444 18.06 6.08 -33.48
CA PRO B 444 16.88 5.37 -32.99
C PRO B 444 16.79 5.43 -31.47
N VAL B 445 15.57 5.34 -30.97
CA VAL B 445 15.35 5.38 -29.52
C VAL B 445 15.89 4.11 -28.89
N GLY B 446 16.81 4.27 -27.93
CA GLY B 446 17.34 3.15 -27.19
C GLY B 446 18.68 2.63 -27.66
N PHE B 447 19.33 3.30 -28.61
CA PHE B 447 20.60 2.86 -29.17
C PHE B 447 21.58 4.01 -29.18
N LYS B 448 22.86 3.68 -28.94
CA LYS B 448 23.90 4.69 -29.04
C LYS B 448 24.25 5.00 -30.50
N ASP B 449 23.98 4.08 -31.41
CA ASP B 449 24.25 4.31 -32.82
C ASP B 449 23.41 5.47 -33.33
N SER B 450 24.06 6.39 -34.05
CA SER B 450 23.40 7.61 -34.48
C SER B 450 23.95 8.02 -35.84
N LEU B 451 23.15 8.82 -36.54
CA LEU B 451 23.59 9.48 -37.76
C LEU B 451 23.86 10.94 -37.40
N ILE B 452 25.12 11.34 -37.46
CA ILE B 452 25.52 12.70 -37.14
C ILE B 452 25.52 13.51 -38.43
N VAL B 453 24.56 14.40 -38.58
CA VAL B 453 24.38 15.18 -39.79
C VAL B 453 25.08 16.52 -39.57
N GLN B 454 26.23 16.69 -40.22
CA GLN B 454 26.95 17.96 -40.19
C GLN B 454 26.36 18.85 -41.28
N VAL B 455 25.60 19.87 -40.86
CA VAL B 455 24.86 20.71 -41.79
C VAL B 455 25.61 22.02 -41.95
N THR B 456 25.99 22.33 -43.19
CA THR B 456 26.70 23.55 -43.51
C THR B 456 25.83 24.45 -44.37
N PHE B 457 25.63 25.69 -43.93
CA PHE B 457 24.81 26.66 -44.65
C PHE B 457 25.74 27.55 -45.47
N ASP B 458 25.65 27.45 -46.79
CA ASP B 458 26.46 28.27 -47.67
C ASP B 458 25.63 29.36 -48.33
N GLU C 1 17.73 -21.38 12.14
CA GLU C 1 16.46 -22.09 12.20
C GLU C 1 15.62 -21.60 13.38
N VAL C 2 14.57 -20.85 13.08
CA VAL C 2 13.70 -20.32 14.14
C VAL C 2 12.90 -21.47 14.74
N GLN C 3 13.05 -21.68 16.04
CA GLN C 3 12.27 -22.66 16.77
C GLN C 3 11.61 -21.98 17.96
N LEU C 4 10.33 -22.29 18.17
CA LEU C 4 9.56 -21.73 19.27
C LEU C 4 9.19 -22.87 20.21
N GLN C 5 9.61 -22.76 21.47
CA GLN C 5 9.42 -23.80 22.47
C GLN C 5 8.58 -23.22 23.60
N GLN C 6 7.36 -23.72 23.75
CA GLN C 6 6.45 -23.25 24.77
C GLN C 6 6.49 -24.14 26.00
N SER C 7 5.86 -23.67 27.08
CA SER C 7 5.70 -24.48 28.27
C SER C 7 4.74 -25.62 28.00
N GLY C 8 4.60 -26.51 28.98
CA GLY C 8 3.74 -27.67 28.85
C GLY C 8 2.31 -27.38 29.25
N THR C 9 1.49 -28.43 29.21
CA THR C 9 0.11 -28.33 29.66
C THR C 9 0.05 -27.79 31.08
N VAL C 10 -0.90 -26.89 31.33
CA VAL C 10 -1.04 -26.24 32.63
C VAL C 10 -2.52 -26.25 33.01
N LEU C 11 -2.84 -27.00 34.06
CA LEU C 11 -4.19 -26.98 34.61
C LEU C 11 -4.37 -25.73 35.46
N ALA C 12 -5.59 -25.18 35.45
CA ALA C 12 -5.88 -23.97 36.19
C ALA C 12 -7.30 -24.06 36.74
N ARG C 13 -7.73 -22.98 37.40
CA ARG C 13 -9.05 -22.87 37.98
C ARG C 13 -9.68 -21.54 37.57
N PRO C 14 -11.00 -21.50 37.44
CA PRO C 14 -11.67 -20.24 37.08
C PRO C 14 -11.35 -19.12 38.05
N GLY C 15 -11.28 -17.90 37.52
CA GLY C 15 -10.89 -16.75 38.29
C GLY C 15 -9.42 -16.67 38.64
N ALA C 16 -8.70 -17.77 38.51
CA ALA C 16 -7.26 -17.78 38.77
C ALA C 16 -6.52 -17.25 37.55
N SER C 17 -5.19 -17.41 37.55
CA SER C 17 -4.36 -16.91 36.47
C SER C 17 -3.38 -17.99 36.06
N VAL C 18 -2.96 -17.94 34.80
CA VAL C 18 -2.03 -18.92 34.24
C VAL C 18 -1.00 -18.16 33.41
N LYS C 19 0.28 -18.48 33.59
CA LYS C 19 1.35 -17.84 32.87
C LYS C 19 2.10 -18.90 32.05
N MET C 20 2.08 -18.74 30.74
CA MET C 20 2.76 -19.65 29.83
C MET C 20 3.87 -18.91 29.08
N SER C 21 4.93 -19.63 28.77
CA SER C 21 6.11 -19.04 28.17
C SER C 21 6.30 -19.51 26.74
N CYS C 22 7.26 -18.90 26.06
CA CYS C 22 7.60 -19.27 24.68
C CYS C 22 9.06 -18.90 24.48
N GLU C 23 9.95 -19.89 24.57
CA GLU C 23 11.37 -19.65 24.37
C GLU C 23 11.67 -19.56 22.88
N ALA C 24 12.10 -18.38 22.43
CA ALA C 24 12.35 -18.13 21.02
C ALA C 24 13.85 -18.24 20.74
N SER C 25 14.21 -19.11 19.81
CA SER C 25 15.61 -19.33 19.46
C SER C 25 15.73 -19.53 17.95
N GLY C 26 16.68 -18.84 17.34
CA GLY C 26 16.91 -18.93 15.92
C GLY C 26 16.79 -17.61 15.18
N TYR C 27 16.72 -16.48 15.89
CA TYR C 27 16.54 -15.18 15.29
C TYR C 27 16.81 -14.13 16.37
N THR C 28 17.04 -12.89 15.93
CA THR C 28 17.25 -11.81 16.88
C THR C 28 15.96 -11.53 17.62
N PHE C 29 15.97 -11.72 18.94
CA PHE C 29 14.75 -11.81 19.72
C PHE C 29 14.00 -10.47 19.76
N THR C 30 14.69 -9.40 20.12
CA THR C 30 14.02 -8.12 20.35
C THR C 30 13.54 -7.46 19.06
N ASN C 31 14.02 -7.90 17.90
CA ASN C 31 13.66 -7.23 16.66
C ASN C 31 12.22 -7.51 16.26
N TYR C 32 11.78 -8.76 16.41
CA TYR C 32 10.55 -9.24 15.80
C TYR C 32 9.41 -9.32 16.80
N TRP C 33 8.19 -9.06 16.32
CA TRP C 33 7.00 -9.25 17.15
C TRP C 33 6.71 -10.73 17.33
N MET C 34 6.31 -11.10 18.55
CA MET C 34 5.84 -12.44 18.84
C MET C 34 4.32 -12.42 18.90
N HIS C 35 3.69 -13.29 18.12
CA HIS C 35 2.24 -13.33 17.99
C HIS C 35 1.69 -14.55 18.68
N TRP C 36 0.54 -14.39 19.34
CA TRP C 36 -0.09 -15.48 20.07
C TRP C 36 -1.46 -15.76 19.47
N VAL C 37 -1.75 -17.05 19.30
CA VAL C 37 -2.99 -17.51 18.69
C VAL C 37 -3.65 -18.50 19.64
N LYS C 38 -4.96 -18.43 19.74
CA LYS C 38 -5.76 -19.31 20.58
C LYS C 38 -6.61 -20.22 19.71
N GLN C 39 -6.69 -21.50 20.07
CA GLN C 39 -7.51 -22.46 19.34
C GLN C 39 -8.23 -23.34 20.36
N ARG C 40 -9.52 -23.09 20.55
CA ARG C 40 -10.31 -23.94 21.42
C ARG C 40 -10.46 -25.32 20.79
N PRO C 41 -10.50 -26.38 21.61
CA PRO C 41 -10.48 -27.74 21.07
C PRO C 41 -11.69 -28.00 20.16
N GLY C 42 -11.41 -28.31 18.90
CA GLY C 42 -12.43 -28.54 17.92
C GLY C 42 -12.91 -27.31 17.17
N GLN C 43 -12.40 -26.13 17.51
CA GLN C 43 -12.81 -24.88 16.90
C GLN C 43 -11.65 -24.29 16.10
N GLY C 44 -11.87 -23.10 15.56
CA GLY C 44 -10.87 -22.44 14.74
C GLY C 44 -9.83 -21.70 15.56
N LEU C 45 -8.92 -21.07 14.84
CA LEU C 45 -7.81 -20.34 15.44
C LEU C 45 -8.18 -18.87 15.59
N GLU C 46 -7.84 -18.28 16.73
CA GLU C 46 -8.24 -16.92 17.07
C GLU C 46 -7.00 -16.16 17.53
N TRP C 47 -6.67 -15.08 16.83
CA TRP C 47 -5.52 -14.28 17.20
C TRP C 47 -5.76 -13.59 18.54
N ILE C 48 -4.74 -13.62 19.39
CA ILE C 48 -4.81 -12.97 20.70
C ILE C 48 -4.17 -11.59 20.66
N GLY C 49 -2.94 -11.53 20.17
CA GLY C 49 -2.22 -10.27 20.13
C GLY C 49 -0.75 -10.53 19.85
N ALA C 50 0.01 -9.44 19.89
CA ALA C 50 1.44 -9.51 19.63
C ALA C 50 2.18 -8.74 20.72
N ILE C 51 3.44 -9.10 20.89
CA ILE C 51 4.31 -8.48 21.88
C ILE C 51 5.62 -8.12 21.19
N TYR C 52 6.08 -6.90 21.39
CA TYR C 52 7.36 -6.45 20.85
C TYR C 52 8.42 -6.57 21.93
N PRO C 53 9.24 -7.62 21.92
CA PRO C 53 10.20 -7.81 23.01
C PRO C 53 11.21 -6.69 23.15
N GLY C 54 11.34 -5.83 22.15
CA GLY C 54 12.26 -4.72 22.23
C GLY C 54 11.88 -3.72 23.32
N ASN C 55 10.70 -3.13 23.20
CA ASN C 55 10.20 -2.19 24.19
C ASN C 55 9.06 -2.77 25.03
N SER C 56 8.85 -4.08 24.97
CA SER C 56 7.77 -4.76 25.67
C SER C 56 6.41 -4.13 25.35
N ASP C 57 6.28 -3.55 24.16
CA ASP C 57 5.00 -3.03 23.72
C ASP C 57 4.14 -4.17 23.21
N THR C 58 2.86 -4.10 23.52
CA THR C 58 1.93 -5.17 23.20
C THR C 58 0.64 -4.59 22.63
N SER C 59 0.03 -5.33 21.72
CA SER C 59 -1.24 -4.94 21.12
C SER C 59 -2.10 -6.19 21.05
N TYR C 60 -3.27 -6.16 21.65
CA TYR C 60 -4.13 -7.31 21.74
C TYR C 60 -5.31 -7.17 20.79
N ILE C 61 -6.07 -8.25 20.68
CA ILE C 61 -7.35 -8.25 20.00
C ILE C 61 -8.39 -7.84 21.02
N GLN C 62 -9.28 -6.92 20.63
CA GLN C 62 -10.25 -6.35 21.57
C GLN C 62 -10.95 -7.41 22.39
N LYS C 63 -11.14 -8.61 21.83
CA LYS C 63 -11.71 -9.70 22.60
C LYS C 63 -10.82 -10.11 23.76
N PHE C 64 -9.51 -9.85 23.67
CA PHE C 64 -8.55 -10.31 24.66
C PHE C 64 -7.93 -9.18 25.47
N LYS C 65 -8.40 -7.94 25.30
CA LYS C 65 -7.88 -6.83 26.08
C LYS C 65 -8.32 -6.98 27.53
N GLY C 66 -7.35 -7.08 28.42
CA GLY C 66 -7.59 -7.35 29.82
C GLY C 66 -7.49 -8.81 30.21
N LYS C 67 -7.98 -9.71 29.36
CA LYS C 67 -7.88 -11.14 29.65
C LYS C 67 -6.44 -11.62 29.53
N ALA C 68 -5.84 -11.48 28.35
CA ALA C 68 -4.49 -11.92 28.11
C ALA C 68 -3.52 -10.76 28.32
N LYS C 69 -2.35 -11.07 28.89
CA LYS C 69 -1.32 -10.09 29.12
C LYS C 69 0.01 -10.66 28.68
N LEU C 70 0.72 -9.92 27.84
CA LEU C 70 1.98 -10.37 27.24
C LEU C 70 3.15 -9.62 27.86
N THR C 71 4.16 -10.37 28.27
CA THR C 71 5.40 -9.80 28.77
C THR C 71 6.57 -10.56 28.16
N ALA C 72 7.69 -9.88 28.02
CA ALA C 72 8.88 -10.45 27.41
C ALA C 72 10.07 -10.26 28.34
N VAL C 73 10.98 -11.24 28.33
CA VAL C 73 12.20 -11.18 29.11
C VAL C 73 13.34 -11.44 28.14
N THR C 74 13.95 -10.35 27.64
CA THR C 74 14.95 -10.47 26.59
C THR C 74 16.25 -11.10 27.06
N SER C 75 16.46 -11.24 28.37
CA SER C 75 17.67 -11.89 28.85
C SER C 75 17.68 -13.38 28.50
N THR C 76 16.54 -14.04 28.69
CA THR C 76 16.38 -15.44 28.33
C THR C 76 15.66 -15.63 27.01
N THR C 77 15.32 -14.54 26.32
CA THR C 77 14.58 -14.58 25.06
C THR C 77 13.32 -15.40 25.18
N SER C 78 12.52 -15.08 26.19
CA SER C 78 11.25 -15.75 26.43
C SER C 78 10.13 -14.72 26.45
N VAL C 79 9.00 -15.08 25.86
CA VAL C 79 7.78 -14.29 25.93
C VAL C 79 6.80 -15.03 26.82
N TYR C 80 6.16 -14.31 27.72
CA TYR C 80 5.21 -14.87 28.66
C TYR C 80 3.82 -14.32 28.39
N MET C 81 2.84 -15.21 28.31
CA MET C 81 1.43 -14.82 28.22
C MET C 81 0.73 -15.21 29.50
N GLU C 82 0.02 -14.26 30.09
CA GLU C 82 -0.70 -14.47 31.34
C GLU C 82 -2.18 -14.21 31.13
N LEU C 83 -2.98 -15.26 31.27
CA LEU C 83 -4.43 -15.14 31.16
C LEU C 83 -5.01 -14.88 32.54
N SER C 84 -5.79 -13.82 32.67
CA SER C 84 -6.36 -13.40 33.93
C SER C 84 -7.87 -13.61 33.92
N SER C 85 -8.42 -13.89 35.11
CA SER C 85 -9.86 -14.13 35.30
C SER C 85 -10.33 -15.26 34.37
N LEU C 86 -9.70 -16.41 34.55
CA LEU C 86 -9.96 -17.55 33.67
C LEU C 86 -11.40 -18.02 33.77
N THR C 87 -11.96 -18.40 32.63
CA THR C 87 -13.25 -19.06 32.53
C THR C 87 -13.06 -20.37 31.79
N ASN C 88 -14.16 -21.06 31.51
CA ASN C 88 -14.06 -22.29 30.72
C ASN C 88 -13.86 -22.01 29.25
N GLU C 89 -14.09 -20.78 28.79
CA GLU C 89 -13.79 -20.43 27.40
C GLU C 89 -12.31 -20.18 27.17
N ASP C 90 -11.50 -20.20 28.22
CA ASP C 90 -10.06 -20.02 28.11
C ASP C 90 -9.32 -21.35 28.01
N SER C 91 -10.02 -22.47 28.17
CA SER C 91 -9.40 -23.79 28.02
C SER C 91 -9.19 -24.04 26.53
N ALA C 92 -7.96 -23.84 26.07
CA ALA C 92 -7.63 -23.95 24.66
C ALA C 92 -6.16 -24.26 24.53
N VAL C 93 -5.69 -24.38 23.29
CA VAL C 93 -4.28 -24.51 22.99
C VAL C 93 -3.78 -23.17 22.49
N TYR C 94 -2.79 -22.60 23.17
CA TYR C 94 -2.26 -21.29 22.85
C TYR C 94 -0.92 -21.46 22.17
N TYR C 95 -0.80 -20.92 20.96
CA TYR C 95 0.43 -20.99 20.17
C TYR C 95 1.09 -19.63 20.15
N CYS C 96 2.40 -19.61 20.33
CA CYS C 96 3.19 -18.45 19.94
C CYS C 96 3.68 -18.70 18.52
N THR C 97 3.46 -17.72 17.64
CA THR C 97 3.82 -17.87 16.25
C THR C 97 4.67 -16.68 15.82
N LEU C 98 5.53 -16.92 14.84
CA LEU C 98 6.42 -15.90 14.33
C LEU C 98 6.41 -15.93 12.81
N TYR C 99 6.65 -14.77 12.22
CA TYR C 99 6.73 -14.62 10.78
C TYR C 99 8.18 -14.76 10.33
N ASP C 100 8.36 -15.09 9.06
CA ASP C 100 9.68 -15.19 8.46
C ASP C 100 9.97 -13.93 7.65
N GLY C 101 11.06 -13.95 6.89
CA GLY C 101 11.39 -12.83 6.04
C GLY C 101 10.38 -12.54 4.96
N TYR C 102 9.44 -13.44 4.73
CA TYR C 102 8.35 -13.25 3.78
C TYR C 102 7.05 -12.86 4.46
N TYR C 103 7.06 -12.70 5.79
CA TYR C 103 5.96 -12.12 6.56
C TYR C 103 4.76 -13.04 6.60
N VAL C 104 5.01 -14.35 6.53
CA VAL C 104 3.99 -15.36 6.77
C VAL C 104 4.37 -16.10 8.04
N PHE C 105 3.36 -16.48 8.81
CA PHE C 105 3.60 -17.11 10.11
C PHE C 105 3.89 -18.59 9.90
N ALA C 106 5.14 -18.86 9.53
CA ALA C 106 5.61 -20.21 9.28
C ALA C 106 6.15 -20.91 10.51
N TYR C 107 6.43 -20.17 11.58
CA TYR C 107 7.00 -20.72 12.80
C TYR C 107 5.95 -20.64 13.90
N TRP C 108 5.64 -21.79 14.49
CA TRP C 108 4.67 -21.88 15.57
C TRP C 108 5.28 -22.64 16.73
N GLY C 109 4.86 -22.30 17.94
CA GLY C 109 5.14 -23.15 19.08
C GLY C 109 4.28 -24.39 19.06
N GLN C 110 4.74 -25.43 19.75
CA GLN C 110 3.99 -26.67 19.77
C GLN C 110 2.62 -26.55 20.44
N GLY C 111 2.37 -25.43 21.12
CA GLY C 111 1.09 -25.21 21.74
C GLY C 111 1.10 -25.47 23.23
N THR C 112 0.47 -24.60 24.00
CA THR C 112 0.32 -24.78 25.44
C THR C 112 -1.17 -24.99 25.72
N LEU C 113 -1.51 -26.21 26.15
CA LEU C 113 -2.88 -26.51 26.52
C LEU C 113 -3.19 -25.97 27.91
N VAL C 114 -4.35 -25.33 28.04
CA VAL C 114 -4.82 -24.78 29.30
C VAL C 114 -6.14 -25.45 29.65
N THR C 115 -6.30 -25.81 30.92
CA THR C 115 -7.51 -26.46 31.41
C THR C 115 -8.00 -25.73 32.66
N VAL C 116 -9.26 -25.31 32.64
CA VAL C 116 -9.83 -24.44 33.66
C VAL C 116 -10.96 -25.15 34.40
N SER C 117 -10.79 -26.46 34.61
CA SER C 117 -11.91 -27.29 35.09
C SER C 117 -12.27 -27.00 36.55
N ALA C 118 -11.30 -26.71 37.40
CA ALA C 118 -11.50 -26.59 38.85
C ALA C 118 -12.02 -27.90 39.45
N ALA C 119 -11.19 -28.93 39.37
CA ALA C 119 -11.50 -30.22 39.95
C ALA C 119 -10.21 -30.85 40.43
N SER C 120 -10.20 -31.33 41.67
CA SER C 120 -9.02 -31.95 42.21
C SER C 120 -8.71 -33.24 41.47
N THR C 121 -7.42 -33.58 41.41
CA THR C 121 -6.99 -34.78 40.69
C THR C 121 -7.59 -36.03 41.33
N LYS C 122 -8.54 -36.65 40.63
CA LYS C 122 -9.22 -37.84 41.11
C LYS C 122 -8.83 -39.03 40.26
N GLY C 123 -8.90 -40.22 40.85
CA GLY C 123 -8.60 -41.44 40.14
C GLY C 123 -9.82 -41.98 39.42
N PRO C 124 -9.60 -42.77 38.38
CA PRO C 124 -10.72 -43.28 37.60
C PRO C 124 -11.40 -44.46 38.29
N SER C 125 -12.73 -44.47 38.23
CA SER C 125 -13.55 -45.57 38.74
C SER C 125 -14.04 -46.36 37.53
N VAL C 126 -13.23 -47.30 37.08
CA VAL C 126 -13.55 -48.10 35.90
C VAL C 126 -14.68 -49.07 36.24
N PHE C 127 -15.65 -49.16 35.34
CA PHE C 127 -16.79 -50.05 35.49
C PHE C 127 -16.93 -50.94 34.27
N PRO C 128 -17.15 -52.24 34.45
CA PRO C 128 -17.38 -53.12 33.30
C PRO C 128 -18.66 -52.76 32.58
N LEU C 129 -18.71 -53.12 31.30
CA LEU C 129 -19.90 -52.86 30.49
C LEU C 129 -20.79 -54.08 30.31
N ALA C 130 -20.34 -55.26 30.76
CA ALA C 130 -21.17 -56.47 30.83
C ALA C 130 -21.86 -56.78 29.49
N PRO C 131 -21.11 -57.26 28.50
CA PRO C 131 -21.73 -57.60 27.21
C PRO C 131 -22.90 -58.56 27.37
N SER C 132 -24.10 -58.10 26.99
CA SER C 132 -25.31 -58.89 27.22
C SER C 132 -25.25 -60.21 26.47
N SER C 133 -25.45 -61.30 27.21
CA SER C 133 -25.51 -62.62 26.59
C SER C 133 -26.74 -62.80 25.74
N LYS C 134 -27.77 -61.97 25.93
CA LYS C 134 -28.96 -62.05 25.09
C LYS C 134 -28.65 -61.65 23.66
N SER C 135 -27.72 -60.72 23.46
CA SER C 135 -27.32 -60.28 22.11
C SER C 135 -26.28 -61.25 21.57
N THR C 136 -26.73 -62.49 21.35
CA THR C 136 -25.89 -63.55 20.79
C THR C 136 -26.36 -64.04 19.44
N SER C 137 -27.67 -64.24 19.25
CA SER C 137 -28.22 -64.62 17.95
C SER C 137 -28.31 -63.38 17.06
N GLY C 138 -27.14 -62.94 16.60
CA GLY C 138 -27.04 -61.74 15.80
C GLY C 138 -25.61 -61.37 15.48
N GLY C 139 -25.25 -60.11 15.71
CA GLY C 139 -23.91 -59.64 15.44
C GLY C 139 -22.90 -60.22 16.43
N THR C 140 -21.71 -59.61 16.41
CA THR C 140 -20.62 -60.05 17.26
C THR C 140 -20.80 -59.50 18.68
N ALA C 141 -19.86 -59.84 19.55
CA ALA C 141 -19.92 -59.44 20.94
C ALA C 141 -19.13 -58.15 21.16
N ALA C 142 -19.74 -57.21 21.87
CA ALA C 142 -19.13 -55.92 22.19
C ALA C 142 -19.02 -55.78 23.69
N LEU C 143 -17.79 -55.65 24.19
CA LEU C 143 -17.52 -55.45 25.61
C LEU C 143 -16.59 -54.27 25.78
N GLY C 144 -16.69 -53.61 26.93
CA GLY C 144 -15.89 -52.43 27.17
C GLY C 144 -15.78 -52.11 28.64
N CYS C 145 -15.10 -51.01 28.92
CA CYS C 145 -14.89 -50.52 30.28
C CYS C 145 -15.30 -49.05 30.35
N LEU C 146 -16.15 -48.72 31.31
CA LEU C 146 -16.64 -47.36 31.50
C LEU C 146 -15.76 -46.66 32.53
N VAL C 147 -14.81 -45.86 32.07
CA VAL C 147 -13.89 -45.12 32.92
C VAL C 147 -14.56 -43.78 33.24
N LYS C 148 -15.02 -43.62 34.47
CA LYS C 148 -15.86 -42.49 34.84
C LYS C 148 -15.23 -41.68 35.98
N ASP C 149 -15.45 -40.37 35.93
CA ASP C 149 -15.15 -39.43 37.01
C ASP C 149 -13.68 -39.52 37.43
N TYR C 150 -12.82 -39.15 36.48
CA TYR C 150 -11.40 -38.97 36.75
C TYR C 150 -10.98 -37.55 36.37
N PHE C 151 -9.79 -37.18 36.80
CA PHE C 151 -9.20 -35.89 36.46
C PHE C 151 -7.72 -35.88 36.85
N PRO C 152 -6.84 -35.29 36.02
CA PRO C 152 -7.14 -34.74 34.71
C PRO C 152 -6.88 -35.72 33.58
N GLU C 153 -7.03 -35.28 32.34
CA GLU C 153 -6.67 -36.10 31.20
C GLU C 153 -5.16 -36.31 31.18
N PRO C 154 -4.69 -37.41 30.57
CA PRO C 154 -5.49 -38.49 29.95
C PRO C 154 -5.56 -39.76 30.78
N VAL C 155 -6.29 -40.74 30.29
CA VAL C 155 -6.33 -42.08 30.86
C VAL C 155 -5.93 -43.07 29.77
N THR C 156 -4.90 -43.84 30.03
CA THR C 156 -4.34 -44.78 29.05
C THR C 156 -4.99 -46.13 29.26
N VAL C 157 -5.98 -46.45 28.43
CA VAL C 157 -6.68 -47.73 28.49
C VAL C 157 -6.04 -48.67 27.48
N SER C 158 -5.58 -49.82 27.96
CA SER C 158 -5.03 -50.86 27.12
C SER C 158 -5.66 -52.19 27.53
N TRP C 159 -6.16 -52.94 26.55
CA TRP C 159 -6.88 -54.17 26.83
C TRP C 159 -5.92 -55.37 26.83
N ASN C 160 -5.96 -56.14 27.92
CA ASN C 160 -5.14 -57.33 28.08
C ASN C 160 -3.65 -57.04 27.84
N SER C 161 -3.18 -55.94 28.45
CA SER C 161 -1.78 -55.53 28.36
C SER C 161 -1.34 -55.32 26.92
N GLY C 162 -2.24 -54.81 26.07
CA GLY C 162 -1.93 -54.58 24.68
C GLY C 162 -2.18 -55.74 23.75
N ALA C 163 -2.78 -56.83 24.25
CA ALA C 163 -3.06 -57.96 23.38
C ALA C 163 -4.18 -57.66 22.39
N LEU C 164 -5.15 -56.83 22.79
CA LEU C 164 -6.26 -56.44 21.93
C LEU C 164 -5.90 -55.11 21.26
N THR C 165 -5.33 -55.20 20.06
CA THR C 165 -5.03 -54.02 19.26
C THR C 165 -6.06 -53.78 18.16
N SER C 166 -7.00 -54.69 17.97
CA SER C 166 -8.03 -54.58 16.94
C SER C 166 -9.40 -54.44 17.60
N GLY C 167 -10.26 -53.63 16.99
CA GLY C 167 -11.59 -53.42 17.53
C GLY C 167 -11.66 -52.56 18.77
N VAL C 168 -10.54 -51.97 19.19
CA VAL C 168 -10.50 -51.12 20.38
C VAL C 168 -10.92 -49.72 19.97
N HIS C 169 -11.95 -49.20 20.64
CA HIS C 169 -12.44 -47.84 20.38
C HIS C 169 -12.45 -47.09 21.72
N THR C 170 -11.32 -46.49 22.05
CA THR C 170 -11.21 -45.63 23.22
C THR C 170 -11.73 -44.26 22.84
N PHE C 171 -12.91 -43.91 23.34
CA PHE C 171 -13.54 -42.66 22.95
C PHE C 171 -12.90 -41.49 23.66
N PRO C 172 -12.94 -40.30 23.07
CA PRO C 172 -12.41 -39.12 23.76
C PRO C 172 -13.19 -38.82 25.02
N ALA C 173 -12.47 -38.36 26.05
CA ALA C 173 -13.10 -38.05 27.33
C ALA C 173 -14.12 -36.93 27.17
N VAL C 174 -15.21 -37.04 27.93
CA VAL C 174 -16.29 -36.06 27.89
C VAL C 174 -16.30 -35.34 29.24
N LEU C 175 -16.14 -34.02 29.19
CA LEU C 175 -16.17 -33.22 30.41
C LEU C 175 -17.59 -33.15 30.95
N GLN C 176 -17.80 -33.76 32.12
CA GLN C 176 -19.11 -33.76 32.73
C GLN C 176 -19.38 -32.41 33.41
N SER C 177 -20.63 -32.24 33.87
CA SER C 177 -20.97 -31.04 34.61
C SER C 177 -20.28 -30.99 35.96
N SER C 178 -19.89 -32.14 36.51
CA SER C 178 -19.14 -32.19 37.76
C SER C 178 -17.69 -31.77 37.59
N GLY C 179 -17.23 -31.51 36.37
CA GLY C 179 -15.88 -31.08 36.13
C GLY C 179 -14.88 -32.17 35.84
N LEU C 180 -15.29 -33.44 35.90
CA LEU C 180 -14.41 -34.56 35.68
C LEU C 180 -14.70 -35.23 34.34
N TYR C 181 -13.73 -35.97 33.84
CA TYR C 181 -13.81 -36.62 32.54
C TYR C 181 -14.24 -38.07 32.70
N SER C 182 -15.00 -38.57 31.74
CA SER C 182 -15.47 -39.95 31.72
C SER C 182 -15.41 -40.47 30.30
N LEU C 183 -14.36 -41.22 29.98
CA LEU C 183 -14.22 -41.84 28.67
C LEU C 183 -14.65 -43.30 28.73
N SER C 184 -15.00 -43.84 27.57
CA SER C 184 -15.34 -45.25 27.43
C SER C 184 -14.37 -45.90 26.46
N SER C 185 -14.19 -47.21 26.59
CA SER C 185 -13.29 -47.97 25.73
C SER C 185 -13.92 -49.32 25.46
N VAL C 186 -14.57 -49.45 24.30
CA VAL C 186 -15.28 -50.66 23.94
C VAL C 186 -14.39 -51.49 23.02
N VAL C 187 -14.65 -52.80 23.01
CA VAL C 187 -13.92 -53.73 22.17
C VAL C 187 -14.92 -54.68 21.51
N THR C 188 -14.82 -54.81 20.19
CA THR C 188 -15.62 -55.78 19.47
C THR C 188 -14.87 -57.11 19.43
N VAL C 189 -15.55 -58.17 19.86
CA VAL C 189 -14.93 -59.48 20.00
C VAL C 189 -15.88 -60.54 19.45
N PRO C 190 -15.34 -61.63 18.92
CA PRO C 190 -16.20 -62.73 18.45
C PRO C 190 -16.99 -63.33 19.60
N SER C 191 -18.29 -63.52 19.38
CA SER C 191 -19.17 -64.05 20.41
C SER C 191 -18.74 -65.44 20.88
N SER C 192 -17.95 -66.16 20.08
CA SER C 192 -17.43 -67.45 20.52
C SER C 192 -16.41 -67.33 21.64
N SER C 193 -15.87 -66.13 21.85
CA SER C 193 -14.88 -65.90 22.90
C SER C 193 -15.51 -65.52 24.23
N LEU C 194 -16.83 -65.40 24.30
CA LEU C 194 -17.51 -65.07 25.55
C LEU C 194 -17.50 -66.30 26.45
N GLY C 195 -16.53 -66.37 27.35
CA GLY C 195 -16.35 -67.48 28.27
C GLY C 195 -15.06 -68.24 28.06
N THR C 196 -14.51 -68.20 26.85
CA THR C 196 -13.26 -68.89 26.56
C THR C 196 -12.07 -68.14 27.17
N GLN C 197 -11.88 -66.89 26.77
CA GLN C 197 -10.80 -66.06 27.28
C GLN C 197 -11.39 -64.81 27.90
N THR C 198 -10.96 -64.49 29.12
CA THR C 198 -11.45 -63.31 29.83
C THR C 198 -10.61 -62.10 29.44
N TYR C 199 -11.27 -60.98 29.19
CA TYR C 199 -10.60 -59.75 28.79
C TYR C 199 -10.58 -58.76 29.94
N ILE C 200 -9.45 -58.07 30.09
CA ILE C 200 -9.22 -57.15 31.19
C ILE C 200 -8.67 -55.84 30.62
N CYS C 201 -9.30 -54.73 30.99
CA CYS C 201 -8.86 -53.40 30.55
C CYS C 201 -7.89 -52.83 31.58
N ASN C 202 -6.74 -52.37 31.11
CA ASN C 202 -5.69 -51.84 31.99
C ASN C 202 -5.82 -50.33 32.01
N VAL C 203 -6.71 -49.82 32.86
CA VAL C 203 -6.92 -48.39 33.02
C VAL C 203 -5.72 -47.83 33.77
N ASN C 204 -4.96 -46.97 33.10
CA ASN C 204 -3.74 -46.39 33.66
C ASN C 204 -3.85 -44.88 33.62
N HIS C 205 -4.05 -44.27 34.80
CA HIS C 205 -4.10 -42.82 34.95
C HIS C 205 -2.73 -42.36 35.41
N LYS C 206 -2.03 -41.59 34.56
CA LYS C 206 -0.68 -41.18 34.91
C LYS C 206 -0.63 -40.31 36.15
N PRO C 207 -1.41 -39.24 36.29
CA PRO C 207 -1.55 -38.62 37.62
C PRO C 207 -2.33 -39.53 38.55
N SER C 208 -2.14 -39.32 39.85
CA SER C 208 -2.70 -40.14 40.93
C SER C 208 -2.08 -41.53 40.99
N ASN C 209 -1.18 -41.87 40.07
CA ASN C 209 -0.48 -43.15 40.06
C ASN C 209 -1.44 -44.33 40.16
N THR C 210 -2.56 -44.21 39.45
CA THR C 210 -3.61 -45.21 39.46
C THR C 210 -3.44 -46.18 38.30
N LYS C 211 -3.38 -47.46 38.60
CA LYS C 211 -3.36 -48.51 37.59
C LYS C 211 -4.31 -49.60 38.05
N VAL C 212 -5.51 -49.63 37.47
CA VAL C 212 -6.56 -50.56 37.86
C VAL C 212 -6.93 -51.41 36.65
N ASP C 213 -6.99 -52.72 36.85
CA ASP C 213 -7.27 -53.68 35.79
C ASP C 213 -8.62 -54.34 36.10
N LYS C 214 -9.67 -53.88 35.43
CA LYS C 214 -11.01 -54.38 35.67
C LYS C 214 -11.33 -55.53 34.72
N LYS C 215 -12.01 -56.55 35.25
CA LYS C 215 -12.39 -57.71 34.47
C LYS C 215 -13.81 -57.55 33.94
N VAL C 216 -13.98 -57.79 32.65
CA VAL C 216 -15.28 -57.70 31.99
C VAL C 216 -15.82 -59.11 31.77
N GLU C 217 -17.09 -59.31 32.11
CA GLU C 217 -17.73 -60.61 31.96
C GLU C 217 -19.22 -60.41 31.75
N PRO C 218 -19.89 -61.26 30.98
CA PRO C 218 -21.32 -61.05 30.72
C PRO C 218 -22.16 -61.23 31.97
N LYS C 219 -23.43 -60.80 31.86
CA LYS C 219 -24.38 -60.89 32.96
C LYS C 219 -25.48 -61.87 32.58
N SER C 220 -25.89 -62.67 33.57
CA SER C 220 -26.92 -63.70 33.39
C SER C 220 -26.57 -64.62 32.22
N CYS C 221 -25.36 -65.17 32.28
CA CYS C 221 -24.87 -66.07 31.24
C CYS C 221 -25.25 -67.51 31.55
N GLU D 1 -12.39 -5.78 11.76
CA GLU D 1 -11.44 -6.76 11.27
C GLU D 1 -11.91 -7.35 9.94
N ILE D 2 -11.03 -8.10 9.29
CA ILE D 2 -11.33 -8.74 8.02
C ILE D 2 -11.83 -10.15 8.31
N VAL D 3 -13.10 -10.40 8.07
CA VAL D 3 -13.68 -11.72 8.29
C VAL D 3 -13.39 -12.60 7.08
N LEU D 4 -12.83 -13.78 7.34
CA LEU D 4 -12.56 -14.77 6.29
C LEU D 4 -13.59 -15.88 6.44
N THR D 5 -14.45 -16.02 5.44
CA THR D 5 -15.52 -17.01 5.48
C THR D 5 -15.13 -18.19 4.60
N GLN D 6 -14.91 -19.34 5.23
CA GLN D 6 -14.57 -20.55 4.50
C GLN D 6 -15.82 -21.34 4.15
N SER D 7 -15.77 -21.99 3.00
CA SER D 7 -16.87 -22.80 2.52
C SER D 7 -16.26 -23.96 1.75
N PRO D 8 -16.69 -25.20 2.00
CA PRO D 8 -17.70 -25.54 3.01
C PRO D 8 -17.11 -25.65 4.41
N VAL D 9 -17.96 -25.74 5.43
CA VAL D 9 -17.46 -25.91 6.79
C VAL D 9 -16.82 -27.28 6.96
N THR D 10 -17.39 -28.30 6.33
CA THR D 10 -16.80 -29.62 6.27
C THR D 10 -16.95 -30.15 4.85
N LEU D 11 -16.12 -31.12 4.49
CA LEU D 11 -16.07 -31.60 3.12
C LEU D 11 -15.54 -33.02 3.11
N SER D 12 -16.31 -33.94 2.56
CA SER D 12 -15.95 -35.35 2.46
C SER D 12 -15.47 -35.62 1.05
N VAL D 13 -14.25 -36.13 0.92
CA VAL D 13 -13.63 -36.40 -0.38
C VAL D 13 -12.96 -37.76 -0.34
N THR D 14 -13.17 -38.55 -1.39
CA THR D 14 -12.53 -39.85 -1.49
C THR D 14 -11.02 -39.69 -1.64
N PRO D 15 -10.22 -40.49 -0.93
CA PRO D 15 -8.76 -40.42 -1.11
C PRO D 15 -8.38 -40.65 -2.56
N GLY D 16 -7.79 -39.61 -3.17
CA GLY D 16 -7.48 -39.61 -4.58
C GLY D 16 -8.30 -38.64 -5.40
N ASP D 17 -9.43 -38.18 -4.86
CA ASP D 17 -10.28 -37.22 -5.55
C ASP D 17 -9.65 -35.84 -5.49
N SER D 18 -10.33 -34.85 -6.07
CA SER D 18 -9.85 -33.48 -6.11
C SER D 18 -10.73 -32.60 -5.25
N VAL D 19 -10.10 -31.67 -4.54
CA VAL D 19 -10.78 -30.79 -3.59
C VAL D 19 -10.56 -29.35 -4.02
N SER D 20 -11.52 -28.49 -3.66
CA SER D 20 -11.38 -27.04 -3.84
C SER D 20 -11.97 -26.38 -2.61
N LEU D 21 -11.10 -25.92 -1.72
CA LEU D 21 -11.53 -25.21 -0.52
C LEU D 21 -11.55 -23.71 -0.80
N SER D 22 -12.62 -23.06 -0.38
CA SER D 22 -12.83 -21.65 -0.69
C SER D 22 -12.68 -20.80 0.56
N CYS D 23 -12.28 -19.54 0.34
CA CYS D 23 -12.17 -18.54 1.38
C CYS D 23 -12.65 -17.23 0.79
N ARG D 24 -13.42 -16.47 1.57
CA ARG D 24 -13.99 -15.21 1.07
C ARG D 24 -13.80 -14.14 2.14
N ALA D 25 -13.02 -13.12 1.80
CA ALA D 25 -12.71 -12.05 2.73
C ALA D 25 -13.80 -10.99 2.75
N SER D 26 -13.96 -10.35 3.90
CA SER D 26 -14.88 -9.22 4.02
C SER D 26 -14.52 -8.07 3.09
N ARG D 27 -13.25 -7.94 2.73
CA ARG D 27 -12.80 -6.83 1.91
C ARG D 27 -11.62 -7.30 1.07
N ASP D 28 -10.99 -6.37 0.35
CA ASP D 28 -9.86 -6.69 -0.51
C ASP D 28 -8.61 -6.94 0.33
N ILE D 29 -8.06 -8.13 0.24
CA ILE D 29 -6.86 -8.45 0.94
C ILE D 29 -5.96 -9.05 -0.10
N SER D 30 -5.91 -8.41 -1.26
CA SER D 30 -5.26 -8.86 -2.50
C SER D 30 -4.77 -10.28 -2.56
N ASN D 31 -3.54 -10.55 -2.21
CA ASN D 31 -3.09 -11.92 -2.18
C ASN D 31 -2.56 -12.27 -0.80
N ASN D 32 -2.90 -11.45 0.18
CA ASN D 32 -2.44 -11.61 1.54
C ASN D 32 -3.29 -12.59 2.24
N LEU D 33 -3.45 -13.73 1.60
CA LEU D 33 -4.27 -14.82 2.09
C LEU D 33 -3.43 -16.09 2.07
N HIS D 34 -3.26 -16.70 3.24
CA HIS D 34 -2.43 -17.87 3.38
C HIS D 34 -3.27 -19.06 3.83
N TRP D 35 -2.79 -20.26 3.56
CA TRP D 35 -3.54 -21.48 3.84
C TRP D 35 -2.74 -22.33 4.79
N PHE D 36 -3.35 -22.67 5.92
CA PHE D 36 -2.75 -23.51 6.93
C PHE D 36 -3.46 -24.85 6.99
N GLN D 37 -2.70 -25.90 7.27
CA GLN D 37 -3.24 -27.23 7.47
C GLN D 37 -3.00 -27.65 8.91
N GLN D 38 -4.01 -28.25 9.53
CA GLN D 38 -3.86 -28.73 10.91
C GLN D 38 -4.58 -30.06 11.07
N THR D 39 -3.84 -31.14 10.85
CA THR D 39 -4.21 -32.45 11.37
C THR D 39 -3.41 -32.67 12.64
N SER D 40 -4.10 -32.88 13.75
CA SER D 40 -3.50 -32.58 15.05
C SER D 40 -2.39 -33.55 15.42
N HIS D 41 -1.29 -33.48 14.67
CA HIS D 41 -0.02 -34.07 15.06
C HIS D 41 1.06 -33.01 15.26
N GLU D 42 0.76 -31.75 15.00
CA GLU D 42 1.70 -30.64 15.14
C GLU D 42 0.89 -29.35 15.15
N SER D 43 1.61 -28.22 15.22
CA SER D 43 1.01 -26.91 15.13
C SER D 43 0.47 -26.69 13.72
N PRO D 44 -0.35 -25.66 13.51
CA PRO D 44 -0.82 -25.38 12.14
C PRO D 44 0.33 -25.20 11.17
N ARG D 45 0.26 -25.91 10.05
CA ARG D 45 1.32 -25.91 9.04
C ARG D 45 0.89 -25.07 7.85
N LEU D 46 1.71 -24.10 7.50
CA LEU D 46 1.42 -23.22 6.37
C LEU D 46 1.70 -23.95 5.07
N LEU D 47 0.68 -24.10 4.23
CA LEU D 47 0.80 -24.77 2.95
C LEU D 47 1.07 -23.80 1.81
N ILE D 48 0.14 -22.88 1.57
CA ILE D 48 0.22 -21.93 0.48
C ILE D 48 0.24 -20.53 1.09
N LYS D 49 1.25 -19.75 0.74
CA LYS D 49 1.34 -18.37 1.18
C LYS D 49 1.00 -17.44 0.02
N TYR D 50 0.48 -16.27 0.37
CA TYR D 50 0.12 -15.24 -0.60
C TYR D 50 -0.74 -15.80 -1.72
N ALA D 51 -1.62 -16.73 -1.35
CA ALA D 51 -2.76 -17.18 -2.13
C ALA D 51 -2.39 -18.04 -3.32
N SER D 52 -1.13 -18.09 -3.70
CA SER D 52 -0.72 -19.00 -4.77
C SER D 52 0.67 -19.57 -4.62
N GLN D 53 1.41 -19.23 -3.56
CA GLN D 53 2.82 -19.60 -3.45
C GLN D 53 2.96 -20.78 -2.52
N SER D 54 3.27 -21.95 -3.08
CA SER D 54 3.48 -23.12 -2.26
C SER D 54 4.76 -22.98 -1.45
N MET D 55 4.69 -23.35 -0.18
CA MET D 55 5.86 -23.31 0.67
C MET D 55 6.84 -24.42 0.28
N SER D 56 8.07 -24.28 0.75
CA SER D 56 9.09 -25.29 0.47
C SER D 56 8.80 -26.55 1.27
N GLY D 57 8.88 -27.70 0.61
CA GLY D 57 8.58 -28.96 1.24
C GLY D 57 7.12 -29.35 1.26
N ILE D 58 6.25 -28.55 0.65
CA ILE D 58 4.82 -28.86 0.57
C ILE D 58 4.60 -29.70 -0.68
N PRO D 59 3.81 -30.77 -0.60
CA PRO D 59 3.55 -31.58 -1.79
C PRO D 59 2.99 -30.74 -2.94
N SER D 60 3.27 -31.18 -4.15
CA SER D 60 2.87 -30.46 -5.35
C SER D 60 1.39 -30.60 -5.66
N ARG D 61 0.64 -31.34 -4.86
CA ARG D 61 -0.80 -31.48 -5.09
C ARG D 61 -1.58 -30.29 -4.52
N PHE D 62 -1.01 -29.56 -3.57
CA PHE D 62 -1.66 -28.37 -3.03
C PHE D 62 -1.42 -27.19 -3.96
N SER D 63 -2.49 -26.52 -4.35
CA SER D 63 -2.41 -25.39 -5.25
C SER D 63 -3.23 -24.25 -4.68
N GLY D 64 -2.72 -23.04 -4.79
CA GLY D 64 -3.45 -21.88 -4.34
C GLY D 64 -3.93 -21.06 -5.51
N SER D 65 -4.99 -20.29 -5.31
CA SER D 65 -5.56 -19.48 -6.36
C SER D 65 -6.44 -18.43 -5.71
N GLY D 66 -6.70 -17.37 -6.46
CA GLY D 66 -7.61 -16.35 -5.98
C GLY D 66 -6.89 -15.04 -5.69
N SER D 67 -7.68 -13.98 -5.64
CA SER D 67 -7.18 -12.65 -5.33
C SER D 67 -8.35 -11.81 -4.86
N GLY D 68 -8.06 -10.61 -4.37
CA GLY D 68 -9.12 -9.74 -3.91
C GLY D 68 -9.83 -10.30 -2.70
N THR D 69 -11.06 -10.77 -2.91
CA THR D 69 -11.88 -11.30 -1.82
C THR D 69 -12.19 -12.78 -1.94
N ASP D 70 -11.93 -13.42 -3.08
CA ASP D 70 -12.28 -14.82 -3.27
C ASP D 70 -11.00 -15.61 -3.53
N PHE D 71 -10.72 -16.58 -2.65
CA PHE D 71 -9.51 -17.39 -2.71
C PHE D 71 -9.88 -18.86 -2.71
N THR D 72 -9.02 -19.68 -3.28
CA THR D 72 -9.29 -21.11 -3.42
C THR D 72 -8.03 -21.91 -3.09
N LEU D 73 -8.21 -23.02 -2.39
CA LEU D 73 -7.15 -23.99 -2.16
C LEU D 73 -7.55 -25.30 -2.81
N SER D 74 -6.79 -25.73 -3.81
CA SER D 74 -7.07 -26.95 -4.54
C SER D 74 -6.06 -28.02 -4.18
N ILE D 75 -6.56 -29.21 -3.89
CA ILE D 75 -5.75 -30.40 -3.71
C ILE D 75 -6.06 -31.36 -4.85
N ASN D 76 -5.02 -31.83 -5.55
CA ASN D 76 -5.24 -32.64 -6.74
C ASN D 76 -5.73 -34.03 -6.38
N SER D 77 -4.94 -34.78 -5.62
CA SER D 77 -5.30 -36.13 -5.18
C SER D 77 -5.07 -36.19 -3.67
N VAL D 78 -6.14 -35.97 -2.90
CA VAL D 78 -6.02 -35.99 -1.45
C VAL D 78 -5.53 -37.34 -0.99
N GLU D 79 -4.42 -37.34 -0.26
CA GLU D 79 -3.89 -38.53 0.36
C GLU D 79 -4.49 -38.68 1.76
N THR D 80 -4.15 -39.76 2.44
CA THR D 80 -4.62 -39.95 3.81
C THR D 80 -4.01 -38.94 4.76
N GLU D 81 -2.90 -38.30 4.38
CA GLU D 81 -2.26 -37.28 5.19
C GLU D 81 -2.84 -35.89 4.96
N ASP D 82 -3.73 -35.73 3.99
CA ASP D 82 -4.32 -34.43 3.69
C ASP D 82 -5.63 -34.19 4.43
N PHE D 83 -6.23 -35.23 4.99
CA PHE D 83 -7.52 -35.08 5.65
C PHE D 83 -7.30 -34.45 7.01
N GLY D 84 -7.79 -33.22 7.16
CA GLY D 84 -7.63 -32.47 8.39
C GLY D 84 -8.37 -31.16 8.29
N MET D 85 -7.95 -30.17 9.06
CA MET D 85 -8.56 -28.86 9.02
C MET D 85 -7.68 -27.91 8.23
N TYR D 86 -8.31 -27.04 7.43
CA TYR D 86 -7.60 -26.09 6.60
C TYR D 86 -8.13 -24.70 6.91
N PHE D 87 -7.25 -23.82 7.39
CA PHE D 87 -7.61 -22.46 7.73
C PHE D 87 -6.97 -21.51 6.74
N CYS D 88 -7.78 -20.63 6.14
CA CYS D 88 -7.22 -19.49 5.46
C CYS D 88 -6.93 -18.40 6.48
N GLN D 89 -5.85 -17.66 6.24
CA GLN D 89 -5.43 -16.61 7.15
C GLN D 89 -5.04 -15.40 6.32
N GLN D 90 -5.50 -14.22 6.74
CA GLN D 90 -5.13 -12.98 6.08
C GLN D 90 -4.07 -12.25 6.91
N THR D 91 -3.03 -11.77 6.23
CA THR D 91 -2.06 -10.86 6.82
C THR D 91 -2.12 -9.51 6.12
N ASN D 92 -3.31 -9.12 5.68
CA ASN D 92 -3.48 -7.84 5.00
C ASN D 92 -3.59 -6.70 6.01
N SER D 93 -4.54 -6.79 6.93
CA SER D 93 -4.69 -5.79 7.97
C SER D 93 -4.54 -6.44 9.33
N TRP D 94 -4.04 -5.67 10.29
CA TRP D 94 -4.03 -6.08 11.68
C TRP D 94 -5.33 -5.63 12.35
N PRO D 95 -5.98 -6.48 13.15
CA PRO D 95 -5.60 -7.82 13.59
C PRO D 95 -5.69 -8.90 12.52
N TYR D 96 -4.71 -9.81 12.51
CA TYR D 96 -4.72 -10.91 11.56
C TYR D 96 -5.77 -11.92 11.98
N THR D 97 -6.57 -12.37 11.03
CA THR D 97 -7.68 -13.26 11.32
C THR D 97 -7.50 -14.57 10.55
N PHE D 98 -8.20 -15.59 11.02
CA PHE D 98 -8.28 -16.88 10.35
C PHE D 98 -9.68 -17.07 9.79
N GLY D 99 -9.80 -18.07 8.92
CA GLY D 99 -11.10 -18.52 8.49
C GLY D 99 -11.71 -19.45 9.51
N GLY D 100 -12.99 -19.75 9.32
CA GLY D 100 -13.67 -20.66 10.22
C GLY D 100 -13.05 -22.04 10.25
N GLY D 101 -12.47 -22.46 9.15
CA GLY D 101 -11.89 -23.77 9.04
C GLY D 101 -12.72 -24.66 8.13
N THR D 102 -12.06 -25.66 7.54
CA THR D 102 -12.73 -26.62 6.67
C THR D 102 -12.13 -27.99 6.95
N LYS D 103 -12.94 -28.89 7.50
CA LYS D 103 -12.49 -30.25 7.72
C LYS D 103 -12.57 -31.06 6.43
N LEU D 104 -11.62 -31.97 6.26
CA LEU D 104 -11.62 -32.89 5.13
C LEU D 104 -11.84 -34.29 5.67
N GLU D 105 -12.92 -34.93 5.25
CA GLU D 105 -13.24 -36.28 5.64
C GLU D 105 -12.87 -37.25 4.51
N ILE D 106 -12.93 -38.54 4.80
CA ILE D 106 -12.45 -39.55 3.88
C ILE D 106 -13.53 -40.04 2.91
N LYS D 107 -14.81 -40.00 3.29
CA LYS D 107 -15.93 -40.28 2.40
C LYS D 107 -15.83 -41.69 1.80
N ARG D 108 -15.96 -42.67 2.69
CA ARG D 108 -16.13 -44.05 2.26
C ARG D 108 -17.61 -44.29 1.99
N THR D 109 -17.99 -45.54 1.75
CA THR D 109 -19.38 -45.87 1.55
C THR D 109 -20.11 -45.91 2.88
N VAL D 110 -21.42 -45.60 2.84
CA VAL D 110 -22.22 -45.56 4.06
C VAL D 110 -22.23 -46.93 4.71
N ALA D 111 -22.06 -46.95 6.03
CA ALA D 111 -22.07 -48.17 6.81
C ALA D 111 -23.20 -48.13 7.83
N ALA D 112 -23.57 -49.30 8.33
CA ALA D 112 -24.64 -49.40 9.30
C ALA D 112 -24.08 -49.38 10.71
N PRO D 113 -24.63 -48.56 11.60
CA PRO D 113 -24.14 -48.52 12.99
C PRO D 113 -24.44 -49.83 13.71
N SER D 114 -23.39 -50.53 14.13
CA SER D 114 -23.56 -51.72 14.95
C SER D 114 -23.94 -51.31 16.37
N VAL D 115 -25.24 -51.18 16.63
CA VAL D 115 -25.72 -50.61 17.89
C VAL D 115 -25.59 -51.65 19.00
N PHE D 116 -25.31 -51.17 20.21
CA PHE D 116 -25.26 -52.01 21.39
C PHE D 116 -25.79 -51.23 22.58
N ILE D 117 -26.12 -51.96 23.64
CA ILE D 117 -26.60 -51.36 24.89
C ILE D 117 -25.92 -52.07 26.05
N PHE D 118 -25.37 -51.28 26.98
CA PHE D 118 -24.68 -51.81 28.13
C PHE D 118 -25.42 -51.40 29.41
N PRO D 119 -25.77 -52.33 30.28
CA PRO D 119 -26.39 -51.97 31.56
C PRO D 119 -25.34 -51.57 32.57
N PRO D 120 -25.69 -50.70 33.52
CA PRO D 120 -24.71 -50.31 34.54
C PRO D 120 -24.30 -51.50 35.39
N SER D 121 -22.99 -51.69 35.52
CA SER D 121 -22.47 -52.84 36.25
C SER D 121 -22.78 -52.72 37.73
N ASP D 122 -22.59 -53.84 38.44
CA ASP D 122 -22.82 -53.84 39.89
C ASP D 122 -21.84 -52.92 40.60
N GLU D 123 -20.60 -52.83 40.10
CA GLU D 123 -19.63 -51.92 40.68
C GLU D 123 -20.13 -50.48 40.65
N GLN D 124 -20.61 -50.03 39.49
CA GLN D 124 -21.19 -48.70 39.40
C GLN D 124 -22.53 -48.62 40.14
N LEU D 125 -23.26 -49.74 40.22
CA LEU D 125 -24.54 -49.73 40.90
C LEU D 125 -24.37 -49.56 42.40
N LYS D 126 -23.21 -49.92 42.94
CA LYS D 126 -22.95 -49.65 44.35
C LYS D 126 -22.94 -48.16 44.64
N SER D 127 -22.40 -47.35 43.73
CA SER D 127 -22.43 -45.91 43.87
C SER D 127 -23.81 -45.37 43.52
N GLY D 128 -24.07 -44.12 43.92
CA GLY D 128 -25.37 -43.51 43.72
C GLY D 128 -25.59 -42.94 42.33
N THR D 129 -24.93 -43.51 41.34
CA THR D 129 -25.07 -43.05 39.96
C THR D 129 -25.03 -44.26 39.03
N ALA D 130 -25.81 -44.18 37.96
CA ALA D 130 -25.87 -45.25 36.95
C ALA D 130 -25.87 -44.63 35.57
N SER D 131 -25.03 -45.15 34.68
CA SER D 131 -24.91 -44.66 33.31
C SER D 131 -25.06 -45.83 32.35
N VAL D 132 -26.02 -45.73 31.44
CA VAL D 132 -26.24 -46.73 30.40
C VAL D 132 -25.55 -46.26 29.13
N VAL D 133 -24.80 -47.16 28.51
CA VAL D 133 -23.98 -46.84 27.34
C VAL D 133 -24.64 -47.41 26.09
N CYS D 134 -24.88 -46.56 25.10
CA CYS D 134 -25.37 -46.97 23.80
C CYS D 134 -24.23 -46.79 22.79
N LEU D 135 -23.79 -47.88 22.18
CA LEU D 135 -22.57 -47.91 21.39
C LEU D 135 -22.92 -48.09 19.92
N LEU D 136 -22.59 -47.08 19.10
CA LEU D 136 -22.70 -47.15 17.65
C LEU D 136 -21.30 -47.39 17.10
N ASN D 137 -21.06 -48.58 16.56
CA ASN D 137 -19.72 -49.03 16.19
C ASN D 137 -19.57 -49.09 14.67
N ASN D 138 -18.53 -48.44 14.16
CA ASN D 138 -18.11 -48.55 12.77
C ASN D 138 -19.22 -48.16 11.79
N PHE D 139 -19.62 -46.90 11.86
CA PHE D 139 -20.63 -46.37 10.96
C PHE D 139 -20.10 -45.15 10.22
N TYR D 140 -20.80 -44.78 9.14
CA TYR D 140 -20.49 -43.61 8.33
C TYR D 140 -21.78 -43.21 7.61
N PRO D 141 -22.08 -41.91 7.50
CA PRO D 141 -21.34 -40.74 8.00
C PRO D 141 -21.48 -40.55 9.51
N ARG D 142 -20.84 -39.52 10.04
CA ARG D 142 -20.90 -39.26 11.47
C ARG D 142 -22.23 -38.64 11.87
N GLU D 143 -22.97 -38.10 10.92
CA GLU D 143 -24.18 -37.34 11.23
C GLU D 143 -25.32 -38.25 11.67
N ALA D 144 -25.20 -38.83 12.84
CA ALA D 144 -26.27 -39.59 13.48
C ALA D 144 -26.88 -38.77 14.60
N LYS D 145 -28.11 -39.12 14.98
CA LYS D 145 -28.86 -38.40 15.99
C LYS D 145 -29.47 -39.43 16.95
N VAL D 146 -28.73 -39.74 18.02
CA VAL D 146 -29.17 -40.73 18.99
C VAL D 146 -30.06 -40.07 20.04
N GLN D 147 -31.21 -40.69 20.30
CA GLN D 147 -32.14 -40.24 21.32
C GLN D 147 -32.43 -41.38 22.28
N TRP D 148 -32.49 -41.05 23.57
CA TRP D 148 -32.80 -42.03 24.61
C TRP D 148 -34.29 -42.05 24.87
N LYS D 149 -34.87 -43.25 24.90
CA LYS D 149 -36.30 -43.44 25.09
C LYS D 149 -36.50 -44.14 26.43
N VAL D 150 -36.84 -43.36 27.46
CA VAL D 150 -37.15 -43.89 28.78
C VAL D 150 -38.66 -43.99 28.91
N ASP D 151 -39.17 -45.22 29.04
CA ASP D 151 -40.60 -45.48 29.08
C ASP D 151 -41.32 -44.88 27.86
N ASN D 152 -40.70 -45.07 26.69
CA ASN D 152 -41.24 -44.55 25.43
C ASN D 152 -41.45 -43.04 25.49
N ALA D 153 -40.48 -42.34 26.06
CA ALA D 153 -40.52 -40.88 26.17
C ALA D 153 -39.15 -40.31 25.85
N LEU D 154 -39.14 -39.17 25.16
CA LEU D 154 -37.89 -38.51 24.83
C LEU D 154 -37.17 -38.05 26.10
N GLN D 155 -35.85 -38.18 26.10
CA GLN D 155 -35.03 -37.89 27.27
C GLN D 155 -34.09 -36.73 26.92
N SER D 156 -34.53 -35.51 27.20
CA SER D 156 -33.70 -34.34 26.94
C SER D 156 -32.68 -34.14 28.06
N GLY D 157 -31.46 -33.81 27.68
CA GLY D 157 -30.39 -33.67 28.65
C GLY D 157 -29.87 -35.01 29.13
N ASN D 158 -28.81 -34.94 29.94
CA ASN D 158 -28.16 -36.12 30.50
C ASN D 158 -27.66 -37.05 29.40
N SER D 159 -26.92 -36.47 28.44
CA SER D 159 -26.32 -37.22 27.35
C SER D 159 -24.96 -36.63 27.02
N GLN D 160 -24.05 -37.49 26.56
CA GLN D 160 -22.67 -37.08 26.29
C GLN D 160 -22.33 -37.13 24.81
N GLU D 161 -22.57 -38.26 24.14
CA GLU D 161 -22.30 -38.42 22.71
C GLU D 161 -20.84 -38.15 22.38
N SER D 162 -19.98 -39.01 22.92
CA SER D 162 -18.55 -38.95 22.63
C SER D 162 -18.26 -39.77 21.38
N VAL D 163 -17.98 -39.09 20.28
CA VAL D 163 -17.75 -39.71 18.98
C VAL D 163 -16.24 -39.85 18.78
N THR D 164 -15.83 -41.00 18.26
CA THR D 164 -14.41 -41.25 18.01
C THR D 164 -13.98 -40.60 16.70
N GLU D 165 -12.67 -40.42 16.56
CA GLU D 165 -12.12 -39.90 15.32
C GLU D 165 -12.26 -40.92 14.20
N GLN D 166 -12.36 -40.44 12.98
CA GLN D 166 -12.55 -41.32 11.83
C GLN D 166 -11.44 -42.35 11.75
N ASP D 167 -11.83 -43.62 11.66
CA ASP D 167 -10.90 -44.73 11.78
C ASP D 167 -9.85 -44.70 10.67
N SER D 168 -8.80 -45.51 10.87
CA SER D 168 -7.66 -45.51 9.97
C SER D 168 -7.85 -46.44 8.77
N LYS D 169 -8.03 -47.73 9.01
CA LYS D 169 -8.11 -48.69 7.90
C LYS D 169 -9.43 -48.57 7.16
N ASP D 170 -10.54 -48.80 7.86
CA ASP D 170 -11.88 -48.61 7.32
C ASP D 170 -12.42 -47.33 7.95
N SER D 171 -12.47 -46.26 7.15
CA SER D 171 -12.66 -44.92 7.71
C SER D 171 -14.08 -44.69 8.19
N THR D 172 -14.50 -45.42 9.21
CA THR D 172 -15.80 -45.27 9.83
C THR D 172 -15.65 -44.54 11.17
N TYR D 173 -16.76 -43.99 11.64
CA TYR D 173 -16.79 -43.36 12.95
C TYR D 173 -17.21 -44.37 14.00
N SER D 174 -17.41 -43.90 15.22
CA SER D 174 -17.99 -44.71 16.30
C SER D 174 -18.48 -43.79 17.40
N LEU D 175 -19.69 -44.04 17.89
CA LEU D 175 -20.34 -43.14 18.83
C LEU D 175 -20.72 -43.90 20.08
N SER D 176 -20.65 -43.22 21.22
CA SER D 176 -21.10 -43.77 22.50
C SER D 176 -21.80 -42.66 23.26
N SER D 177 -23.11 -42.81 23.44
CA SER D 177 -23.91 -41.86 24.20
C SER D 177 -24.34 -42.52 25.50
N THR D 178 -24.18 -41.80 26.60
CA THR D 178 -24.47 -42.32 27.93
C THR D 178 -25.52 -41.44 28.61
N LEU D 179 -26.44 -42.08 29.32
CA LEU D 179 -27.48 -41.39 30.07
C LEU D 179 -27.08 -41.44 31.55
N THR D 180 -26.74 -40.29 32.10
CA THR D 180 -26.31 -40.19 33.50
C THR D 180 -27.51 -39.88 34.37
N LEU D 181 -27.82 -40.80 35.30
CA LEU D 181 -28.93 -40.61 36.22
C LEU D 181 -28.63 -41.35 37.52
N SER D 182 -29.25 -40.87 38.59
CA SER D 182 -29.06 -41.49 39.90
C SER D 182 -29.77 -42.83 39.98
N LYS D 183 -29.45 -43.58 41.03
CA LYS D 183 -30.10 -44.88 41.23
C LYS D 183 -31.61 -44.74 41.38
N ALA D 184 -32.08 -43.61 41.93
CA ALA D 184 -33.51 -43.37 42.02
C ALA D 184 -34.13 -43.32 40.63
N ASP D 185 -33.61 -42.43 39.77
CA ASP D 185 -34.11 -42.35 38.40
C ASP D 185 -33.81 -43.61 37.60
N TYR D 186 -32.87 -44.43 38.05
CA TYR D 186 -32.56 -45.67 37.35
C TYR D 186 -33.60 -46.75 37.64
N GLU D 187 -33.78 -47.07 38.92
CA GLU D 187 -34.77 -48.07 39.31
C GLU D 187 -36.19 -47.54 39.28
N LYS D 188 -36.39 -46.27 38.96
CA LYS D 188 -37.75 -45.74 38.88
C LYS D 188 -38.45 -46.22 37.61
N HIS D 189 -37.74 -46.25 36.49
CA HIS D 189 -38.29 -46.65 35.20
C HIS D 189 -37.76 -48.03 34.81
N LYS D 190 -38.29 -48.57 33.72
CA LYS D 190 -37.93 -49.93 33.30
C LYS D 190 -37.65 -50.06 31.81
N VAL D 191 -37.77 -48.99 31.03
CA VAL D 191 -37.54 -49.03 29.59
C VAL D 191 -36.41 -48.07 29.27
N TYR D 192 -35.37 -48.58 28.61
CA TYR D 192 -34.15 -47.84 28.31
C TYR D 192 -33.75 -48.00 26.86
N ALA D 193 -34.71 -47.84 25.95
CA ALA D 193 -34.43 -47.96 24.52
C ALA D 193 -33.52 -46.84 24.05
N CYS D 194 -32.78 -47.10 22.97
CA CYS D 194 -31.83 -46.16 22.40
C CYS D 194 -32.15 -45.99 20.91
N GLU D 195 -32.79 -44.89 20.55
CA GLU D 195 -33.08 -44.60 19.16
C GLU D 195 -31.82 -44.12 18.45
N VAL D 196 -31.60 -44.62 17.24
CA VAL D 196 -30.39 -44.34 16.47
C VAL D 196 -30.66 -43.38 15.32
N THR D 197 -31.54 -43.76 14.39
CA THR D 197 -31.95 -42.92 13.27
C THR D 197 -30.75 -42.46 12.43
N HIS D 198 -30.07 -43.44 11.84
CA HIS D 198 -28.96 -43.19 10.94
C HIS D 198 -29.36 -43.55 9.51
N GLN D 199 -28.79 -42.82 8.55
CA GLN D 199 -29.15 -43.02 7.15
C GLN D 199 -28.63 -44.35 6.62
N GLY D 200 -27.55 -44.85 7.22
CA GLY D 200 -27.00 -46.14 6.82
C GLY D 200 -27.88 -47.32 7.17
N LEU D 201 -28.96 -47.06 7.90
CA LEU D 201 -29.89 -48.08 8.32
C LEU D 201 -31.09 -48.13 7.37
N SER D 202 -31.47 -49.34 6.96
CA SER D 202 -32.63 -49.53 6.10
C SER D 202 -33.90 -49.47 6.96
N SER D 203 -35.04 -49.83 6.36
CA SER D 203 -36.30 -49.78 7.09
C SER D 203 -36.41 -50.99 8.02
N PRO D 204 -36.79 -50.80 9.29
CA PRO D 204 -37.12 -49.50 9.91
C PRO D 204 -35.90 -48.66 10.22
N VAL D 205 -35.95 -47.37 9.85
CA VAL D 205 -34.79 -46.50 9.99
C VAL D 205 -34.38 -46.36 11.44
N THR D 206 -35.33 -46.10 12.33
CA THR D 206 -35.05 -45.94 13.75
C THR D 206 -34.74 -47.32 14.34
N LYS D 207 -33.45 -47.59 14.56
CA LYS D 207 -33.01 -48.87 15.12
C LYS D 207 -32.95 -48.74 16.64
N SER D 208 -34.13 -48.73 17.25
CA SER D 208 -34.24 -48.60 18.69
C SER D 208 -33.81 -49.90 19.35
N PHE D 209 -32.66 -49.88 20.00
CA PHE D 209 -32.10 -51.08 20.62
C PHE D 209 -32.49 -51.15 22.10
N ASN D 210 -32.77 -52.36 22.56
CA ASN D 210 -33.18 -52.62 23.93
C ASN D 210 -32.32 -53.72 24.52
N ARG D 211 -32.29 -53.78 25.86
CA ARG D 211 -31.50 -54.78 26.57
C ARG D 211 -32.32 -55.72 27.44
N GLY D 212 -33.59 -55.40 27.73
CA GLY D 212 -34.40 -56.29 28.54
C GLY D 212 -33.96 -56.32 29.99
N GLU D 213 -34.14 -55.22 30.71
CA GLU D 213 -33.74 -55.14 32.10
C GLU D 213 -34.33 -56.29 32.91
N CYS D 214 -33.44 -57.12 33.46
CA CYS D 214 -33.86 -58.29 34.24
C CYS D 214 -33.08 -58.34 35.55
#